data_1PN8
# 
_entry.id   1PN8 
# 
_audit_conform.dict_name       mmcif_pdbx.dic 
_audit_conform.dict_version    5.386 
_audit_conform.dict_location   http://mmcif.pdb.org/dictionaries/ascii/mmcif_pdbx.dic 
# 
loop_
_database_2.database_id 
_database_2.database_code 
_database_2.pdbx_database_accession 
_database_2.pdbx_DOI 
PDB   1PN8         pdb_00001pn8 10.2210/pdb1pn8/pdb 
RCSB  RCSB019445   ?            ?                   
WWPDB D_1000019445 ?            ?                   
# 
loop_
_pdbx_audit_revision_history.ordinal 
_pdbx_audit_revision_history.data_content_type 
_pdbx_audit_revision_history.major_revision 
_pdbx_audit_revision_history.minor_revision 
_pdbx_audit_revision_history.revision_date 
1 'Structure model' 1 0 2003-07-15 
2 'Structure model' 1 1 2008-04-29 
3 'Structure model' 1 2 2011-07-13 
4 'Structure model' 1 3 2024-02-14 
# 
_pdbx_audit_revision_details.ordinal             1 
_pdbx_audit_revision_details.revision_ordinal    1 
_pdbx_audit_revision_details.data_content_type   'Structure model' 
_pdbx_audit_revision_details.provider            repository 
_pdbx_audit_revision_details.type                'Initial release' 
_pdbx_audit_revision_details.description         ? 
_pdbx_audit_revision_details.details             ? 
# 
loop_
_pdbx_audit_revision_group.ordinal 
_pdbx_audit_revision_group.revision_ordinal 
_pdbx_audit_revision_group.data_content_type 
_pdbx_audit_revision_group.group 
1 2 'Structure model' 'Version format compliance' 
2 3 'Structure model' 'Version format compliance' 
3 4 'Structure model' 'Data collection'           
4 4 'Structure model' 'Database references'       
5 4 'Structure model' 'Refinement description'    
# 
loop_
_pdbx_audit_revision_category.ordinal 
_pdbx_audit_revision_category.revision_ordinal 
_pdbx_audit_revision_category.data_content_type 
_pdbx_audit_revision_category.category 
1 4 'Structure model' chem_comp_atom                
2 4 'Structure model' chem_comp_bond                
3 4 'Structure model' database_2                    
4 4 'Structure model' em_3d_fitting_list            
5 4 'Structure model' em_image_scans                
6 4 'Structure model' pdbx_initial_refinement_model 
# 
loop_
_pdbx_audit_revision_item.ordinal 
_pdbx_audit_revision_item.revision_ordinal 
_pdbx_audit_revision_item.data_content_type 
_pdbx_audit_revision_item.item 
1 4 'Structure model' '_database_2.pdbx_DOI'                            
2 4 'Structure model' '_database_2.pdbx_database_accession'             
3 4 'Structure model' '_em_3d_fitting_list.accession_code'              
4 4 'Structure model' '_em_3d_fitting_list.initial_refinement_model_id' 
5 4 'Structure model' '_em_3d_fitting_list.source_name'                 
6 4 'Structure model' '_em_3d_fitting_list.type'                        
# 
_pdbx_database_status.status_code                     REL 
_pdbx_database_status.entry_id                        1PN8 
_pdbx_database_status.recvd_initial_deposition_date   2003-06-12 
_pdbx_database_status.deposit_site                    RCSB 
_pdbx_database_status.process_site                    RCSB 
_pdbx_database_status.SG_entry                        . 
_pdbx_database_status.status_code_sf                  ? 
_pdbx_database_status.status_code_mr                  ? 
_pdbx_database_status.pdb_format_compatible           Y 
_pdbx_database_status.status_code_cs                  ? 
_pdbx_database_status.status_code_nmr_data            ? 
_pdbx_database_status.methods_development_category    ? 
# 
loop_
_pdbx_database_related.db_name 
_pdbx_database_related.db_id 
_pdbx_database_related.details 
_pdbx_database_related.content_type 
PDB  1GIX     'Crystal structure of the Ribosome at 5.5A resolution -- 30S Ribosome subunit, three tRNA, and mRNA molecules' 
unspecified            
PDB  1GIY     'Crystal structure of the Ribosome at 5.5A resolution -- 50S Ribosome subunit' unspecified            
PDB  1PN6     'Elongation Factor-G, E.coli 70S ribosome, Post-termination complex, Fitting of crystal structure, Cryo-EM' 
unspecified            
PDB  1PN7     
'Coordinates of S12, L11 proteins and P-tRNA, from the 70S X-ray structure aligned to the 70S Cryo-EM map of E.coli ribosome' 
unspecified            
EMDB EMD-1055 . 'other EM volume'      
EMDB EMD-1362 . 'other EM volume'      
EMDB EMD-1363 . 'associated EM volume' 
EMDB EMD-1364 . 'other EM volume'      
EMDB EMD-1365 . 'other EM volume'      
EMDB EMD-1366 . 'other EM volume'      
# 
loop_
_audit_author.name 
_audit_author.pdbx_ordinal 
'Valle, M.'     1 
'Zavialov, A.'  2 
'Sengupta, J.'  3 
'Rawat, U.'     4 
'Ehrenberg, M.' 5 
'Frank, J.'     6 
# 
_citation.id                        primary 
_citation.title                     'Locking and Unlocking of Ribosomal Motions' 
_citation.journal_abbrev            'Cell(Cambridge,Mass.)' 
_citation.journal_volume            114 
_citation.page_first                123 
_citation.page_last                 134 
_citation.year                      2003 
_citation.journal_id_ASTM           CELLB5 
_citation.country                   US 
_citation.journal_id_ISSN           0092-8674 
_citation.journal_id_CSD            0998 
_citation.book_publisher            ? 
_citation.pdbx_database_id_PubMed   12859903 
_citation.pdbx_database_id_DOI      '10.1016/S0092-8674(03)00476-8' 
# 
loop_
_citation_author.citation_id 
_citation_author.name 
_citation_author.ordinal 
_citation_author.identifier_ORCID 
primary 'Valle, M.'     1 ? 
primary 'Zavialov, A.'  2 ? 
primary 'Sengupta, J.'  3 ? 
primary 'Rawat, U.'     4 ? 
primary 'Ehrenberg, M.' 5 ? 
primary 'Frank, J.'     6 ? 
# 
loop_
_entity.id 
_entity.type 
_entity.src_method 
_entity.pdbx_description 
_entity.formula_weight 
_entity.pdbx_number_of_molecules 
_entity.pdbx_ec 
_entity.pdbx_mutation 
_entity.pdbx_fragment 
_entity.details 
1 polymer syn E-tRNA                      21843.963 1 ? ? ? ? 
2 polymer nat '30S ribosomal protein S12' 13804.311 1 ? ? ? ? 
3 polymer nat '50S ribosomal protein L11' 14294.913 1 ? ? ? ? 
# 
loop_
_entity_poly.entity_id 
_entity_poly.type 
_entity_poly.nstd_linkage 
_entity_poly.nstd_monomer 
_entity_poly.pdbx_seq_one_letter_code 
_entity_poly.pdbx_seq_one_letter_code_can 
_entity_poly.pdbx_strand_id 
_entity_poly.pdbx_target_identifier 
1 polyribonucleotide no no UCCGUGAAACAAAGCGGAUGUACCGGAUUUUUAUUCCGGCUAUGGGGCAAUUCCCCGUCGCGGAGCCA 
UCCGUGAAACAAAGCGGAUGUACCGGAUUUUUAUUCCGGCUAUGGGGCAAUUCCCCGUCGCGGAGCCA D ? 
2 'polypeptide(L)'   no no 
;PTINQLVRKGREKVRKKSKVPALKGAPFRRGVCTVVRTVTPKKPNSALRKVAKVRLTSGYEVTAYIPGEGHNLQEHSVVL
IRGGRVKDLPGVRYHIVRGVYDAAGVKDRKKSRSKYGTKKPKEA
;
;PTINQLVRKGREKVRKKSKVPALKGAPFRRGVCTVVRTVTPKKPNSALRKVAKVRLTSGYEVTAYIPGEGHNLQEHSVVL
IRGGRVKDLPGVRYHIVRGVYDAAGVKDRKKSRSKYGTKKPKEA
;
O ? 
3 'polypeptide(L)'   no no 
;QIKLQLPAGKATPAPPVGPALGQHGVNIMEFCKRFNAETADKAGMILPVVITVYEDKSFTFIIKTPPASFLLKKAAGIEK
GSSEPKRKIVGKVTRKQIEEIAKTKMPDLNANSLEAAMKIIEGTAKSMGIEVV
;
;QIKLQLPAGKATPAPPVGPALGQHGVNIMEFCKRFNAETADKAGMILPVVITVYEDKSFTFIIKTPPASFLLKKAAGIEK
GSSEPKRKIVGKVTRKQIEEIAKTKMPDLNANSLEAAMKIIEGTAKSMGIEVV
;
L ? 
# 
loop_
_entity_poly_seq.entity_id 
_entity_poly_seq.num 
_entity_poly_seq.mon_id 
_entity_poly_seq.hetero 
1 1   U   n 
1 2   C   n 
1 3   C   n 
1 4   G   n 
1 5   U   n 
1 6   G   n 
1 7   A   n 
1 8   A   n 
1 9   A   n 
1 10  C   n 
1 11  A   n 
1 12  A   n 
1 13  A   n 
1 14  G   n 
1 15  C   n 
1 16  G   n 
1 17  G   n 
1 18  A   n 
1 19  U   n 
1 20  G   n 
1 21  U   n 
1 22  A   n 
1 23  C   n 
1 24  C   n 
1 25  G   n 
1 26  G   n 
1 27  A   n 
1 28  U   n 
1 29  U   n 
1 30  U   n 
1 31  U   n 
1 32  U   n 
1 33  A   n 
1 34  U   n 
1 35  U   n 
1 36  C   n 
1 37  C   n 
1 38  G   n 
1 39  G   n 
1 40  C   n 
1 41  U   n 
1 42  A   n 
1 43  U   n 
1 44  G   n 
1 45  G   n 
1 46  G   n 
1 47  G   n 
1 48  C   n 
1 49  A   n 
1 50  A   n 
1 51  U   n 
1 52  U   n 
1 53  C   n 
1 54  C   n 
1 55  C   n 
1 56  C   n 
1 57  G   n 
1 58  U   n 
1 59  C   n 
1 60  G   n 
1 61  C   n 
1 62  G   n 
1 63  G   n 
1 64  A   n 
1 65  G   n 
1 66  C   n 
1 67  C   n 
1 68  A   n 
2 1   PRO n 
2 2   THR n 
2 3   ILE n 
2 4   ASN n 
2 5   GLN n 
2 6   LEU n 
2 7   VAL n 
2 8   ARG n 
2 9   LYS n 
2 10  GLY n 
2 11  ARG n 
2 12  GLU n 
2 13  LYS n 
2 14  VAL n 
2 15  ARG n 
2 16  LYS n 
2 17  LYS n 
2 18  SER n 
2 19  LYS n 
2 20  VAL n 
2 21  PRO n 
2 22  ALA n 
2 23  LEU n 
2 24  LYS n 
2 25  GLY n 
2 26  ALA n 
2 27  PRO n 
2 28  PHE n 
2 29  ARG n 
2 30  ARG n 
2 31  GLY n 
2 32  VAL n 
2 33  CYS n 
2 34  THR n 
2 35  VAL n 
2 36  VAL n 
2 37  ARG n 
2 38  THR n 
2 39  VAL n 
2 40  THR n 
2 41  PRO n 
2 42  LYS n 
2 43  LYS n 
2 44  PRO n 
2 45  ASN n 
2 46  SER n 
2 47  ALA n 
2 48  LEU n 
2 49  ARG n 
2 50  LYS n 
2 51  VAL n 
2 52  ALA n 
2 53  LYS n 
2 54  VAL n 
2 55  ARG n 
2 56  LEU n 
2 57  THR n 
2 58  SER n 
2 59  GLY n 
2 60  TYR n 
2 61  GLU n 
2 62  VAL n 
2 63  THR n 
2 64  ALA n 
2 65  TYR n 
2 66  ILE n 
2 67  PRO n 
2 68  GLY n 
2 69  GLU n 
2 70  GLY n 
2 71  HIS n 
2 72  ASN n 
2 73  LEU n 
2 74  GLN n 
2 75  GLU n 
2 76  HIS n 
2 77  SER n 
2 78  VAL n 
2 79  VAL n 
2 80  LEU n 
2 81  ILE n 
2 82  ARG n 
2 83  GLY n 
2 84  GLY n 
2 85  ARG n 
2 86  VAL n 
2 87  LYS n 
2 88  ASP n 
2 89  LEU n 
2 90  PRO n 
2 91  GLY n 
2 92  VAL n 
2 93  ARG n 
2 94  TYR n 
2 95  HIS n 
2 96  ILE n 
2 97  VAL n 
2 98  ARG n 
2 99  GLY n 
2 100 VAL n 
2 101 TYR n 
2 102 ASP n 
2 103 ALA n 
2 104 ALA n 
2 105 GLY n 
2 106 VAL n 
2 107 LYS n 
2 108 ASP n 
2 109 ARG n 
2 110 LYS n 
2 111 LYS n 
2 112 SER n 
2 113 ARG n 
2 114 SER n 
2 115 LYS n 
2 116 TYR n 
2 117 GLY n 
2 118 THR n 
2 119 LYS n 
2 120 LYS n 
2 121 PRO n 
2 122 LYS n 
2 123 GLU n 
2 124 ALA n 
3 1   GLN n 
3 2   ILE n 
3 3   LYS n 
3 4   LEU n 
3 5   GLN n 
3 6   LEU n 
3 7   PRO n 
3 8   ALA n 
3 9   GLY n 
3 10  LYS n 
3 11  ALA n 
3 12  THR n 
3 13  PRO n 
3 14  ALA n 
3 15  PRO n 
3 16  PRO n 
3 17  VAL n 
3 18  GLY n 
3 19  PRO n 
3 20  ALA n 
3 21  LEU n 
3 22  GLY n 
3 23  GLN n 
3 24  HIS n 
3 25  GLY n 
3 26  VAL n 
3 27  ASN n 
3 28  ILE n 
3 29  MET n 
3 30  GLU n 
3 31  PHE n 
3 32  CYS n 
3 33  LYS n 
3 34  ARG n 
3 35  PHE n 
3 36  ASN n 
3 37  ALA n 
3 38  GLU n 
3 39  THR n 
3 40  ALA n 
3 41  ASP n 
3 42  LYS n 
3 43  ALA n 
3 44  GLY n 
3 45  MET n 
3 46  ILE n 
3 47  LEU n 
3 48  PRO n 
3 49  VAL n 
3 50  VAL n 
3 51  ILE n 
3 52  THR n 
3 53  VAL n 
3 54  TYR n 
3 55  GLU n 
3 56  ASP n 
3 57  LYS n 
3 58  SER n 
3 59  PHE n 
3 60  THR n 
3 61  PHE n 
3 62  ILE n 
3 63  ILE n 
3 64  LYS n 
3 65  THR n 
3 66  PRO n 
3 67  PRO n 
3 68  ALA n 
3 69  SER n 
3 70  PHE n 
3 71  LEU n 
3 72  LEU n 
3 73  LYS n 
3 74  LYS n 
3 75  ALA n 
3 76  ALA n 
3 77  GLY n 
3 78  ILE n 
3 79  GLU n 
3 80  LYS n 
3 81  GLY n 
3 82  SER n 
3 83  SER n 
3 84  GLU n 
3 85  PRO n 
3 86  LYS n 
3 87  ARG n 
3 88  LYS n 
3 89  ILE n 
3 90  VAL n 
3 91  GLY n 
3 92  LYS n 
3 93  VAL n 
3 94  THR n 
3 95  ARG n 
3 96  LYS n 
3 97  GLN n 
3 98  ILE n 
3 99  GLU n 
3 100 GLU n 
3 101 ILE n 
3 102 ALA n 
3 103 LYS n 
3 104 THR n 
3 105 LYS n 
3 106 MET n 
3 107 PRO n 
3 108 ASP n 
3 109 LEU n 
3 110 ASN n 
3 111 ALA n 
3 112 ASN n 
3 113 SER n 
3 114 LEU n 
3 115 GLU n 
3 116 ALA n 
3 117 ALA n 
3 118 MET n 
3 119 LYS n 
3 120 ILE n 
3 121 ILE n 
3 122 GLU n 
3 123 GLY n 
3 124 THR n 
3 125 ALA n 
3 126 LYS n 
3 127 SER n 
3 128 MET n 
3 129 GLY n 
3 130 ILE n 
3 131 GLU n 
3 132 VAL n 
3 133 VAL n 
# 
loop_
_entity_src_nat.entity_id 
_entity_src_nat.pdbx_src_id 
_entity_src_nat.pdbx_alt_source_flag 
_entity_src_nat.pdbx_beg_seq_num 
_entity_src_nat.pdbx_end_seq_num 
_entity_src_nat.common_name 
_entity_src_nat.pdbx_organism_scientific 
_entity_src_nat.pdbx_ncbi_taxonomy_id 
_entity_src_nat.genus 
_entity_src_nat.species 
_entity_src_nat.strain 
_entity_src_nat.tissue 
_entity_src_nat.tissue_fraction 
_entity_src_nat.pdbx_secretion 
_entity_src_nat.pdbx_fragment 
_entity_src_nat.pdbx_variant 
_entity_src_nat.pdbx_cell_line 
_entity_src_nat.pdbx_atcc 
_entity_src_nat.pdbx_cellular_location 
_entity_src_nat.pdbx_organ 
_entity_src_nat.pdbx_organelle 
_entity_src_nat.pdbx_cell 
_entity_src_nat.pdbx_plasmid_name 
_entity_src_nat.pdbx_plasmid_details 
_entity_src_nat.details 
2 1 sample ? ? ? 'Thermus thermophilus' 274  Thermus    ? ? ? ? ? ? ? ? ? ? ? ? ? ? ? ? 
3 1 sample ? ? ? 'Thermotoga maritima'  2336 Thermotoga ? ? ? ? ? ? ? ? ? ? ? ? ? ? ? ? 
# 
loop_
_chem_comp.id 
_chem_comp.type 
_chem_comp.mon_nstd_flag 
_chem_comp.name 
_chem_comp.pdbx_synonyms 
_chem_comp.formula 
_chem_comp.formula_weight 
A   'RNA linking'       y "ADENOSINE-5'-MONOPHOSPHATE" ? 'C10 H14 N5 O7 P' 347.221 
ALA 'L-peptide linking' y ALANINE                      ? 'C3 H7 N O2'      89.093  
ARG 'L-peptide linking' y ARGININE                     ? 'C6 H15 N4 O2 1'  175.209 
ASN 'L-peptide linking' y ASPARAGINE                   ? 'C4 H8 N2 O3'     132.118 
ASP 'L-peptide linking' y 'ASPARTIC ACID'              ? 'C4 H7 N O4'      133.103 
C   'RNA linking'       y "CYTIDINE-5'-MONOPHOSPHATE"  ? 'C9 H14 N3 O8 P'  323.197 
CYS 'L-peptide linking' y CYSTEINE                     ? 'C3 H7 N O2 S'    121.158 
G   'RNA linking'       y "GUANOSINE-5'-MONOPHOSPHATE" ? 'C10 H14 N5 O8 P' 363.221 
GLN 'L-peptide linking' y GLUTAMINE                    ? 'C5 H10 N2 O3'    146.144 
GLU 'L-peptide linking' y 'GLUTAMIC ACID'              ? 'C5 H9 N O4'      147.129 
GLY 'peptide linking'   y GLYCINE                      ? 'C2 H5 N O2'      75.067  
HIS 'L-peptide linking' y HISTIDINE                    ? 'C6 H10 N3 O2 1'  156.162 
ILE 'L-peptide linking' y ISOLEUCINE                   ? 'C6 H13 N O2'     131.173 
LEU 'L-peptide linking' y LEUCINE                      ? 'C6 H13 N O2'     131.173 
LYS 'L-peptide linking' y LYSINE                       ? 'C6 H15 N2 O2 1'  147.195 
MET 'L-peptide linking' y METHIONINE                   ? 'C5 H11 N O2 S'   149.211 
PHE 'L-peptide linking' y PHENYLALANINE                ? 'C9 H11 N O2'     165.189 
PRO 'L-peptide linking' y PROLINE                      ? 'C5 H9 N O2'      115.130 
SER 'L-peptide linking' y SERINE                       ? 'C3 H7 N O3'      105.093 
THR 'L-peptide linking' y THREONINE                    ? 'C4 H9 N O3'      119.119 
TYR 'L-peptide linking' y TYROSINE                     ? 'C9 H11 N O3'     181.189 
U   'RNA linking'       y "URIDINE-5'-MONOPHOSPHATE"   ? 'C9 H13 N2 O9 P'  324.181 
VAL 'L-peptide linking' y VALINE                       ? 'C5 H11 N O2'     117.146 
# 
loop_
_pdbx_poly_seq_scheme.asym_id 
_pdbx_poly_seq_scheme.entity_id 
_pdbx_poly_seq_scheme.seq_id 
_pdbx_poly_seq_scheme.mon_id 
_pdbx_poly_seq_scheme.ndb_seq_num 
_pdbx_poly_seq_scheme.pdb_seq_num 
_pdbx_poly_seq_scheme.auth_seq_num 
_pdbx_poly_seq_scheme.pdb_mon_id 
_pdbx_poly_seq_scheme.auth_mon_id 
_pdbx_poly_seq_scheme.pdb_strand_id 
_pdbx_poly_seq_scheme.pdb_ins_code 
_pdbx_poly_seq_scheme.hetero 
A 1 1   U   1   1   1   U   U   D . n 
A 1 2   C   2   2   2   C   C   D . n 
A 1 3   C   3   3   3   C   C   D . n 
A 1 4   G   4   4   4   G   G   D . n 
A 1 5   U   5   5   5   U   U   D . n 
A 1 6   G   6   6   6   G   G   D . n 
A 1 7   A   7   7   7   A   A   D . n 
A 1 8   A   8   9   9   A   A   D . n 
A 1 9   A   9   10  10  A   A   D . n 
A 1 10  C   10  11  11  C   C   D . n 
A 1 11  A   11  12  12  A   A   D . n 
A 1 12  A   12  13  13  A   A   D . n 
A 1 13  A   13  14  14  A   A   D . n 
A 1 14  G   14  15  15  G   G   D . n 
A 1 15  C   15  16  16  C   C   D . n 
A 1 16  G   16  18  18  G   G   D . n 
A 1 17  G   17  19  19  G   G   D . n 
A 1 18  A   18  22  22  A   A   D . n 
A 1 19  U   19  23  23  U   U   D . n 
A 1 20  G   20  24  24  G   G   D . n 
A 1 21  U   21  25  25  U   U   D . n 
A 1 22  A   22  26  26  A   A   D . n 
A 1 23  C   23  27  27  C   C   D . n 
A 1 24  C   24  28  28  C   C   D . n 
A 1 25  G   25  29  29  G   G   D . n 
A 1 26  G   26  30  30  G   G   D . n 
A 1 27  A   27  31  31  A   A   D . n 
A 1 28  U   28  32  32  U   U   D . n 
A 1 29  U   29  33  33  U   U   D . n 
A 1 30  U   30  34  34  U   U   D . n 
A 1 31  U   31  35  35  U   U   D . n 
A 1 32  U   32  36  36  U   U   D . n 
A 1 33  A   33  37  37  A   A   D . n 
A 1 34  U   34  38  38  U   U   D . n 
A 1 35  U   35  39  39  U   U   D . n 
A 1 36  C   36  40  40  C   C   D . n 
A 1 37  C   37  41  41  C   C   D . n 
A 1 38  G   38  42  42  G   G   D . n 
A 1 39  G   39  43  43  G   G   D . n 
A 1 40  C   40  44  44  C   C   D . n 
A 1 41  U   41  45  45  U   U   D . n 
A 1 42  A   42  46  46  A   A   D . n 
A 1 43  U   43  48  48  U   U   D . n 
A 1 44  G   44  50  50  G   G   D . n 
A 1 45  G   45  51  51  G   G   D . n 
A 1 46  G   46  52  52  G   G   D . n 
A 1 47  G   47  53  53  G   G   D . n 
A 1 48  C   48  56  56  C   C   D . n 
A 1 49  A   49  57  57  A   A   D . n 
A 1 50  A   50  58  58  A   A   D . n 
A 1 51  U   51  59  59  U   U   D . n 
A 1 52  U   52  60  60  U   U   D . n 
A 1 53  C   53  61  61  C   C   D . n 
A 1 54  C   54  62  62  C   C   D . n 
A 1 55  C   55  63  63  C   C   D . n 
A 1 56  C   56  64  64  C   C   D . n 
A 1 57  G   57  65  65  G   G   D . n 
A 1 58  U   58  66  66  U   U   D . n 
A 1 59  C   59  67  67  C   C   D . n 
A 1 60  G   60  68  68  G   G   D . n 
A 1 61  C   61  69  69  C   C   D . n 
A 1 62  G   62  70  70  G   G   D . n 
A 1 63  G   63  71  71  G   G   D . n 
A 1 64  A   64  72  72  A   A   D . n 
A 1 65  G   65  73  73  G   G   D . n 
A 1 66  C   66  74  74  C   C   D . n 
A 1 67  C   67  75  75  C   C   D . n 
A 1 68  A   68  76  76  A   A   D . n 
B 2 1   PRO 1   5   5   PRO PRO O . n 
B 2 2   THR 2   6   6   THR THR O . n 
B 2 3   ILE 3   7   7   ILE ILE O . n 
B 2 4   ASN 4   8   8   ASN ASN O . n 
B 2 5   GLN 5   9   9   GLN GLN O . n 
B 2 6   LEU 6   10  10  LEU LEU O . n 
B 2 7   VAL 7   11  11  VAL VAL O . n 
B 2 8   ARG 8   12  12  ARG ARG O . n 
B 2 9   LYS 9   13  13  LYS LYS O . n 
B 2 10  GLY 10  14  14  GLY GLY O . n 
B 2 11  ARG 11  15  15  ARG ARG O . n 
B 2 12  GLU 12  16  16  GLU GLU O . n 
B 2 13  LYS 13  17  17  LYS LYS O . n 
B 2 14  VAL 14  18  18  VAL VAL O . n 
B 2 15  ARG 15  19  19  ARG ARG O . n 
B 2 16  LYS 16  20  20  LYS LYS O . n 
B 2 17  LYS 17  21  21  LYS LYS O . n 
B 2 18  SER 18  22  22  SER SER O . n 
B 2 19  LYS 19  23  23  LYS LYS O . n 
B 2 20  VAL 20  24  24  VAL VAL O . n 
B 2 21  PRO 21  25  25  PRO PRO O . n 
B 2 22  ALA 22  26  26  ALA ALA O . n 
B 2 23  LEU 23  27  27  LEU LEU O . n 
B 2 24  LYS 24  28  28  LYS LYS O . n 
B 2 25  GLY 25  29  29  GLY GLY O . n 
B 2 26  ALA 26  30  30  ALA ALA O . n 
B 2 27  PRO 27  31  31  PRO PRO O . n 
B 2 28  PHE 28  32  32  PHE PHE O . n 
B 2 29  ARG 29  33  33  ARG ARG O . n 
B 2 30  ARG 30  34  34  ARG ARG O . n 
B 2 31  GLY 31  35  35  GLY GLY O . n 
B 2 32  VAL 32  36  36  VAL VAL O . n 
B 2 33  CYS 33  37  37  CYS CYS O . n 
B 2 34  THR 34  38  38  THR THR O . n 
B 2 35  VAL 35  39  39  VAL VAL O . n 
B 2 36  VAL 36  40  40  VAL VAL O . n 
B 2 37  ARG 37  41  41  ARG ARG O . n 
B 2 38  THR 38  42  42  THR THR O . n 
B 2 39  VAL 39  43  43  VAL VAL O . n 
B 2 40  THR 40  44  44  THR THR O . n 
B 2 41  PRO 41  45  45  PRO PRO O . n 
B 2 42  LYS 42  46  46  LYS LYS O . n 
B 2 43  LYS 43  47  47  LYS LYS O . n 
B 2 44  PRO 44  48  48  PRO PRO O . n 
B 2 45  ASN 45  49  49  ASN ASN O . n 
B 2 46  SER 46  50  50  SER SER O . n 
B 2 47  ALA 47  51  51  ALA ALA O . n 
B 2 48  LEU 48  52  52  LEU LEU O . n 
B 2 49  ARG 49  53  53  ARG ARG O . n 
B 2 50  LYS 50  54  54  LYS LYS O . n 
B 2 51  VAL 51  55  55  VAL VAL O . n 
B 2 52  ALA 52  56  56  ALA ALA O . n 
B 2 53  LYS 53  57  57  LYS LYS O . n 
B 2 54  VAL 54  58  58  VAL VAL O . n 
B 2 55  ARG 55  59  59  ARG ARG O . n 
B 2 56  LEU 56  60  60  LEU LEU O . n 
B 2 57  THR 57  61  61  THR THR O . n 
B 2 58  SER 58  62  62  SER SER O . n 
B 2 59  GLY 59  63  63  GLY GLY O . n 
B 2 60  TYR 60  64  64  TYR TYR O . n 
B 2 61  GLU 61  65  65  GLU GLU O . n 
B 2 62  VAL 62  66  66  VAL VAL O . n 
B 2 63  THR 63  67  67  THR THR O . n 
B 2 64  ALA 64  68  68  ALA ALA O . n 
B 2 65  TYR 65  69  69  TYR TYR O . n 
B 2 66  ILE 66  70  70  ILE ILE O . n 
B 2 67  PRO 67  71  71  PRO PRO O . n 
B 2 68  GLY 68  72  72  GLY GLY O . n 
B 2 69  GLU 69  73  73  GLU GLU O . n 
B 2 70  GLY 70  74  74  GLY GLY O . n 
B 2 71  HIS 71  75  75  HIS HIS O . n 
B 2 72  ASN 72  76  76  ASN ASN O . n 
B 2 73  LEU 73  77  77  LEU LEU O . n 
B 2 74  GLN 74  78  78  GLN GLN O . n 
B 2 75  GLU 75  79  79  GLU GLU O . n 
B 2 76  HIS 76  80  80  HIS HIS O . n 
B 2 77  SER 77  81  81  SER SER O . n 
B 2 78  VAL 78  82  82  VAL VAL O . n 
B 2 79  VAL 79  83  83  VAL VAL O . n 
B 2 80  LEU 80  84  84  LEU LEU O . n 
B 2 81  ILE 81  85  85  ILE ILE O . n 
B 2 82  ARG 82  86  86  ARG ARG O . n 
B 2 83  GLY 83  87  87  GLY GLY O . n 
B 2 84  GLY 84  88  88  GLY GLY O . n 
B 2 85  ARG 85  89  89  ARG ARG O . n 
B 2 86  VAL 86  90  90  VAL VAL O . n 
B 2 87  LYS 87  91  91  LYS LYS O . n 
B 2 88  ASP 88  92  92  ASP ASP O . n 
B 2 89  LEU 89  93  93  LEU LEU O . n 
B 2 90  PRO 90  94  94  PRO PRO O . n 
B 2 91  GLY 91  95  95  GLY GLY O . n 
B 2 92  VAL 92  96  96  VAL VAL O . n 
B 2 93  ARG 93  97  97  ARG ARG O . n 
B 2 94  TYR 94  98  98  TYR TYR O . n 
B 2 95  HIS 95  99  99  HIS HIS O . n 
B 2 96  ILE 96  100 100 ILE ILE O . n 
B 2 97  VAL 97  101 101 VAL VAL O . n 
B 2 98  ARG 98  102 102 ARG ARG O . n 
B 2 99  GLY 99  103 103 GLY GLY O . n 
B 2 100 VAL 100 104 104 VAL VAL O . n 
B 2 101 TYR 101 105 105 TYR TYR O . n 
B 2 102 ASP 102 106 106 ASP ASP O . n 
B 2 103 ALA 103 107 107 ALA ALA O . n 
B 2 104 ALA 104 108 108 ALA ALA O . n 
B 2 105 GLY 105 109 109 GLY GLY O . n 
B 2 106 VAL 106 110 110 VAL VAL O . n 
B 2 107 LYS 107 111 111 LYS LYS O . n 
B 2 108 ASP 108 112 112 ASP ASP O . n 
B 2 109 ARG 109 113 113 ARG ARG O . n 
B 2 110 LYS 110 114 114 LYS LYS O . n 
B 2 111 LYS 111 115 115 LYS LYS O . n 
B 2 112 SER 112 116 116 SER SER O . n 
B 2 113 ARG 113 117 117 ARG ARG O . n 
B 2 114 SER 114 118 118 SER SER O . n 
B 2 115 LYS 115 119 119 LYS LYS O . n 
B 2 116 TYR 116 120 120 TYR TYR O . n 
B 2 117 GLY 117 121 121 GLY GLY O . n 
B 2 118 THR 118 122 122 THR THR O . n 
B 2 119 LYS 119 123 123 LYS LYS O . n 
B 2 120 LYS 120 124 124 LYS LYS O . n 
B 2 121 PRO 121 125 125 PRO PRO O . n 
B 2 122 LYS 122 126 126 LYS LYS O . n 
B 2 123 GLU 123 127 127 GLU GLU O . n 
B 2 124 ALA 124 128 128 ALA ALA O . n 
C 3 1   GLN 1   8   8   GLN GLN L . n 
C 3 2   ILE 2   9   9   ILE ILE L . n 
C 3 3   LYS 3   10  10  LYS LYS L . n 
C 3 4   LEU 4   11  11  LEU LEU L . n 
C 3 5   GLN 5   12  12  GLN GLN L . n 
C 3 6   LEU 6   13  13  LEU LEU L . n 
C 3 7   PRO 7   14  14  PRO PRO L . n 
C 3 8   ALA 8   15  15  ALA ALA L . n 
C 3 9   GLY 9   16  16  GLY GLY L . n 
C 3 10  LYS 10  17  17  LYS LYS L . n 
C 3 11  ALA 11  18  18  ALA ALA L . n 
C 3 12  THR 12  19  19  THR THR L . n 
C 3 13  PRO 13  20  20  PRO PRO L . n 
C 3 14  ALA 14  21  21  ALA ALA L . n 
C 3 15  PRO 15  22  22  PRO PRO L . n 
C 3 16  PRO 16  23  23  PRO PRO L . n 
C 3 17  VAL 17  24  24  VAL VAL L . n 
C 3 18  GLY 18  25  25  GLY GLY L . n 
C 3 19  PRO 19  26  26  PRO PRO L . n 
C 3 20  ALA 20  27  27  ALA ALA L . n 
C 3 21  LEU 21  28  28  LEU LEU L . n 
C 3 22  GLY 22  29  29  GLY GLY L . n 
C 3 23  GLN 23  30  30  GLN GLN L . n 
C 3 24  HIS 24  31  31  HIS HIS L . n 
C 3 25  GLY 25  32  32  GLY GLY L . n 
C 3 26  VAL 26  33  33  VAL VAL L . n 
C 3 27  ASN 27  34  34  ASN ASN L . n 
C 3 28  ILE 28  35  35  ILE ILE L . n 
C 3 29  MET 29  36  36  MET MET L . n 
C 3 30  GLU 30  37  37  GLU GLU L . n 
C 3 31  PHE 31  38  38  PHE PHE L . n 
C 3 32  CYS 32  39  39  CYS CYS L . n 
C 3 33  LYS 33  40  40  LYS LYS L . n 
C 3 34  ARG 34  41  41  ARG ARG L . n 
C 3 35  PHE 35  42  42  PHE PHE L . n 
C 3 36  ASN 36  43  43  ASN ASN L . n 
C 3 37  ALA 37  44  44  ALA ALA L . n 
C 3 38  GLU 38  45  45  GLU GLU L . n 
C 3 39  THR 39  46  46  THR THR L . n 
C 3 40  ALA 40  47  47  ALA ALA L . n 
C 3 41  ASP 41  48  48  ASP ASP L . n 
C 3 42  LYS 42  49  49  LYS LYS L . n 
C 3 43  ALA 43  50  50  ALA ALA L . n 
C 3 44  GLY 44  51  51  GLY GLY L . n 
C 3 45  MET 45  52  52  MET MET L . n 
C 3 46  ILE 46  53  53  ILE ILE L . n 
C 3 47  LEU 47  54  54  LEU LEU L . n 
C 3 48  PRO 48  55  55  PRO PRO L . n 
C 3 49  VAL 49  56  56  VAL VAL L . n 
C 3 50  VAL 50  57  57  VAL VAL L . n 
C 3 51  ILE 51  58  58  ILE ILE L . n 
C 3 52  THR 52  59  59  THR THR L . n 
C 3 53  VAL 53  60  60  VAL VAL L . n 
C 3 54  TYR 54  61  61  TYR TYR L . n 
C 3 55  GLU 55  62  62  GLU GLU L . n 
C 3 56  ASP 56  63  63  ASP ASP L . n 
C 3 57  LYS 57  64  64  LYS LYS L . n 
C 3 58  SER 58  65  65  SER SER L . n 
C 3 59  PHE 59  66  66  PHE PHE L . n 
C 3 60  THR 60  67  67  THR THR L . n 
C 3 61  PHE 61  68  68  PHE PHE L . n 
C 3 62  ILE 62  69  69  ILE ILE L . n 
C 3 63  ILE 63  70  70  ILE ILE L . n 
C 3 64  LYS 64  71  71  LYS LYS L . n 
C 3 65  THR 65  72  72  THR THR L . n 
C 3 66  PRO 66  73  73  PRO PRO L . n 
C 3 67  PRO 67  74  74  PRO PRO L . n 
C 3 68  ALA 68  75  75  ALA ALA L . n 
C 3 69  SER 69  76  76  SER SER L . n 
C 3 70  PHE 70  77  77  PHE PHE L . n 
C 3 71  LEU 71  78  78  LEU LEU L . n 
C 3 72  LEU 72  79  79  LEU LEU L . n 
C 3 73  LYS 73  80  80  LYS LYS L . n 
C 3 74  LYS 74  81  81  LYS LYS L . n 
C 3 75  ALA 75  82  82  ALA ALA L . n 
C 3 76  ALA 76  83  83  ALA ALA L . n 
C 3 77  GLY 77  84  84  GLY GLY L . n 
C 3 78  ILE 78  85  85  ILE ILE L . n 
C 3 79  GLU 79  86  86  GLU GLU L . n 
C 3 80  LYS 80  87  87  LYS LYS L . n 
C 3 81  GLY 81  88  88  GLY GLY L . n 
C 3 82  SER 82  89  89  SER SER L . n 
C 3 83  SER 83  90  90  SER SER L . n 
C 3 84  GLU 84  91  91  GLU GLU L . n 
C 3 85  PRO 85  92  92  PRO PRO L . n 
C 3 86  LYS 86  93  93  LYS LYS L . n 
C 3 87  ARG 87  94  94  ARG ARG L . n 
C 3 88  LYS 88  95  95  LYS LYS L . n 
C 3 89  ILE 89  96  96  ILE ILE L . n 
C 3 90  VAL 90  97  97  VAL VAL L . n 
C 3 91  GLY 91  98  98  GLY GLY L . n 
C 3 92  LYS 92  99  99  LYS LYS L . n 
C 3 93  VAL 93  100 100 VAL VAL L . n 
C 3 94  THR 94  101 101 THR THR L . n 
C 3 95  ARG 95  102 102 ARG ARG L . n 
C 3 96  LYS 96  103 103 LYS LYS L . n 
C 3 97  GLN 97  104 104 GLN GLN L . n 
C 3 98  ILE 98  105 105 ILE ILE L . n 
C 3 99  GLU 99  106 106 GLU GLU L . n 
C 3 100 GLU 100 107 107 GLU GLU L . n 
C 3 101 ILE 101 108 108 ILE ILE L . n 
C 3 102 ALA 102 109 109 ALA ALA L . n 
C 3 103 LYS 103 110 110 LYS LYS L . n 
C 3 104 THR 104 111 111 THR THR L . n 
C 3 105 LYS 105 112 112 LYS LYS L . n 
C 3 106 MET 106 113 113 MET MET L . n 
C 3 107 PRO 107 114 114 PRO PRO L . n 
C 3 108 ASP 108 115 115 ASP ASP L . n 
C 3 109 LEU 109 116 116 LEU LEU L . n 
C 3 110 ASN 110 117 117 ASN ASN L . n 
C 3 111 ALA 111 118 118 ALA ALA L . n 
C 3 112 ASN 112 119 119 ASN ASN L . n 
C 3 113 SER 113 120 120 SER SER L . n 
C 3 114 LEU 114 121 121 LEU LEU L . n 
C 3 115 GLU 115 122 122 GLU GLU L . n 
C 3 116 ALA 116 123 123 ALA ALA L . n 
C 3 117 ALA 117 124 124 ALA ALA L . n 
C 3 118 MET 118 125 125 MET MET L . n 
C 3 119 LYS 119 126 126 LYS LYS L . n 
C 3 120 ILE 120 127 127 ILE ILE L . n 
C 3 121 ILE 121 128 128 ILE ILE L . n 
C 3 122 GLU 122 129 129 GLU GLU L . n 
C 3 123 GLY 123 130 130 GLY GLY L . n 
C 3 124 THR 124 131 131 THR THR L . n 
C 3 125 ALA 125 132 132 ALA ALA L . n 
C 3 126 LYS 126 133 133 LYS LYS L . n 
C 3 127 SER 127 134 134 SER SER L . n 
C 3 128 MET 128 135 135 MET MET L . n 
C 3 129 GLY 129 136 136 GLY GLY L . n 
C 3 130 ILE 130 137 137 ILE ILE L . n 
C 3 131 GLU 131 138 138 GLU GLU L . n 
C 3 132 VAL 132 139 139 VAL VAL L . n 
C 3 133 VAL 133 140 140 VAL VAL L . n 
# 
_cell.entry_id           1PN8 
_cell.length_a           1 
_cell.length_b           1 
_cell.length_c           1 
_cell.angle_alpha        90 
_cell.angle_beta         90 
_cell.angle_gamma        90 
_cell.pdbx_unique_axis   ? 
_cell.Z_PDB              1 
_cell.length_a_esd       ? 
_cell.length_b_esd       ? 
_cell.length_c_esd       ? 
_cell.angle_alpha_esd    ? 
_cell.angle_beta_esd     ? 
_cell.angle_gamma_esd    ? 
# 
_symmetry.entry_id                         1PN8 
_symmetry.space_group_name_H-M             'P 1' 
_symmetry.pdbx_full_space_group_name_H-M   ? 
_symmetry.Int_Tables_number                1 
_symmetry.cell_setting                     ? 
# 
_exptl.entry_id          1PN8 
_exptl.method            'ELECTRON MICROSCOPY' 
_exptl.crystals_number   ? 
# 
_refine_hist.pdbx_refine_id                   'ELECTRON MICROSCOPY' 
_refine_hist.cycle_id                         LAST 
_refine_hist.pdbx_number_atoms_protein        257 
_refine_hist.pdbx_number_atoms_nucleic_acid   68 
_refine_hist.pdbx_number_atoms_ligand         0 
_refine_hist.number_atoms_solvent             0 
_refine_hist.number_atoms_total               325 
_refine_hist.d_res_high                       . 
_refine_hist.d_res_low                        . 
# 
_struct.entry_id                  1PN8 
_struct.title                     
;Coordinates of S12, L11 proteins and E-site tRNA from 70S crystal structure separately fitted into the Cryo-EM map of E.coli 70S.EF-G.GDPNP complex. The atomic coordinates originally from the E-site tRNA were fitted in the position of the hybrid P/E-site tRNA.
;
_struct.pdbx_model_details        ? 
_struct.pdbx_CASP_flag            ? 
_struct.pdbx_model_type_details   ? 
# 
_struct_keywords.entry_id        1PN8 
_struct_keywords.pdbx_keywords   'RNA binding protein/RNA' 
_struct_keywords.text            'ribosomal protein, tRNA binding protein, tRNA, RNA binding protein-RNA COMPLEX' 
# 
loop_
_struct_asym.id 
_struct_asym.pdbx_blank_PDB_chainid_flag 
_struct_asym.pdbx_modified 
_struct_asym.entity_id 
_struct_asym.details 
A N N 1 ? 
B N N 2 ? 
C N N 3 ? 
# 
loop_
_struct_ref.id 
_struct_ref.db_name 
_struct_ref.db_code 
_struct_ref.pdbx_db_accession 
_struct_ref.entity_id 
_struct_ref.pdbx_seq_one_letter_code 
_struct_ref.pdbx_align_begin 
_struct_ref.pdbx_db_isoform 
1 UNP RS12_THET8 Q5SHN3 2 
;PTINQLVRKGREKVRKKSKVPALKGAPFRRGVCTVVRTVTPKKPNSALRKVAKVRLTSGYEVTAYIPGEGHNLQEHSVVL
IRGGRVKDLPGVRYHIVRGVYDAAGVKDRKKSRSKYGTKKPKEA
;
1 ? 
2 UNP RL11_THEMA P29395 3 
;QIKLQLPAGKATPAPPVGPALGQHGVNIMEFCKRFNAETADKAGMILPVVITVYEDKSFTFIIKTPPASFLLKKAAGIEK
GSSEPKRKIVGKVTRKQIEEIAKTKMPDLNANSLEAAMKIIEGTAKSMGIEVV
;
7 ? 
3 PDB 1PN8       1PN8   1 ? ? ? 
# 
loop_
_struct_ref_seq.align_id 
_struct_ref_seq.ref_id 
_struct_ref_seq.pdbx_PDB_id_code 
_struct_ref_seq.pdbx_strand_id 
_struct_ref_seq.seq_align_beg 
_struct_ref_seq.pdbx_seq_align_beg_ins_code 
_struct_ref_seq.seq_align_end 
_struct_ref_seq.pdbx_seq_align_end_ins_code 
_struct_ref_seq.pdbx_db_accession 
_struct_ref_seq.db_align_beg 
_struct_ref_seq.pdbx_db_align_beg_ins_code 
_struct_ref_seq.db_align_end 
_struct_ref_seq.pdbx_db_align_end_ins_code 
_struct_ref_seq.pdbx_auth_seq_align_beg 
_struct_ref_seq.pdbx_auth_seq_align_end 
1 1 1PN8 O 1 ? 124 ? Q5SHN3 1 ? 124 ? 5 128 
2 2 1PN8 L 1 ? 133 ? P29395 7 ? 139 ? 8 140 
3 3 1PN8 D 1 ? 68  ? 1PN8   1 ? 76  ? 1 76  
# 
_pdbx_struct_assembly.id                   1 
_pdbx_struct_assembly.details              author_defined_assembly 
_pdbx_struct_assembly.method_details       ? 
_pdbx_struct_assembly.oligomeric_details   trimeric 
_pdbx_struct_assembly.oligomeric_count     3 
# 
_pdbx_struct_assembly_gen.assembly_id       1 
_pdbx_struct_assembly_gen.oper_expression   1 
_pdbx_struct_assembly_gen.asym_id_list      A,B,C 
# 
_pdbx_struct_oper_list.id                   1 
_pdbx_struct_oper_list.type                 'identity operation' 
_pdbx_struct_oper_list.name                 1_555 
_pdbx_struct_oper_list.symmetry_operation   x,y,z 
_pdbx_struct_oper_list.matrix[1][1]         1.0000000000 
_pdbx_struct_oper_list.matrix[1][2]         0.0000000000 
_pdbx_struct_oper_list.matrix[1][3]         0.0000000000 
_pdbx_struct_oper_list.vector[1]            0.0000000000 
_pdbx_struct_oper_list.matrix[2][1]         0.0000000000 
_pdbx_struct_oper_list.matrix[2][2]         1.0000000000 
_pdbx_struct_oper_list.matrix[2][3]         0.0000000000 
_pdbx_struct_oper_list.vector[2]            0.0000000000 
_pdbx_struct_oper_list.matrix[3][1]         0.0000000000 
_pdbx_struct_oper_list.matrix[3][2]         0.0000000000 
_pdbx_struct_oper_list.matrix[3][3]         1.0000000000 
_pdbx_struct_oper_list.vector[3]            0.0000000000 
# 
_pdbx_database_remark.id     999 
_pdbx_database_remark.text   'The structures contain C alpha atoms only' 
# 
_em_3d_fitting.id                1 
_em_3d_fitting.entry_id          1PN8 
_em_3d_fitting.ref_protocol      OTHER 
_em_3d_fitting.ref_space         REAL 
_em_3d_fitting.overall_b_value   ? 
_em_3d_fitting.target_criteria   ? 
_em_3d_fitting.details           'METHOD--Manual fitting in O' 
_em_3d_fitting.method            ? 
# 
loop_
_em_3d_fitting_list.3d_fitting_id 
_em_3d_fitting_list.id 
_em_3d_fitting_list.pdb_entry_id 
_em_3d_fitting_list.pdb_chain_id 
_em_3d_fitting_list.details 
_em_3d_fitting_list.initial_refinement_model_id 
_em_3d_fitting_list.chain_id 
_em_3d_fitting_list.chain_residue_range 
_em_3d_fitting_list.pdb_chain_residue_range 
_em_3d_fitting_list.source_name 
_em_3d_fitting_list.type 
_em_3d_fitting_list.accession_code 
1 1 1GIX ? ? 1 ? ? ? PDB 'experimental model' 1GIX 
1 2 1GIY ? ? 2 ? ? ? PDB 'experimental model' 1GIY 
# 
_em_3d_reconstruction.entry_id                    1PN8 
_em_3d_reconstruction.id                          1 
_em_3d_reconstruction.symmetry_type               POINT 
_em_3d_reconstruction.image_processing_id         1 
_em_3d_reconstruction.method                      '3D projection matching; conjugate gradients with regularization' 
_em_3d_reconstruction.nominal_pixel_size          ? 
_em_3d_reconstruction.actual_pixel_size           2.82 
_em_3d_reconstruction.resolution                  10.8 
_em_3d_reconstruction.magnification_calibration   TMV 
_em_3d_reconstruction.details                     'SPIDER package. Crystal Structure of Thermus Thermophilus 70S ribosome' 
_em_3d_reconstruction.resolution_method           ? 
_em_3d_reconstruction.num_class_averages          ? 
_em_3d_reconstruction.num_particles               ? 
_em_3d_reconstruction.algorithm                   ? 
# 
_em_buffer.id            1 
_em_buffer.specimen_id   1 
_em_buffer.name          ? 
_em_buffer.pH            7.5 
_em_buffer.details       ? 
# 
loop_
_em_entity_assembly.id 
_em_entity_assembly.name 
_em_entity_assembly.type 
_em_entity_assembly.parent_id 
_em_entity_assembly.synonym 
_em_entity_assembly.details 
_em_entity_assembly.oligomeric_details 
1 'E.coli 70S ribosome'       RIBOSOME 0 ? ? ? 
2 E-tRNA                      ?        1 ? ? ? 
3 '30S ribosomal protein S12' ?        1 ? ? ? 
4 '50S ribosomal protein L11' ?        1 ? ? ? 
# 
_em_imaging.entry_id                        1PN8 
_em_imaging.id                              1 
_em_imaging.specimen_id                     1 
_em_imaging.date                            2001-06-01 
_em_imaging.temperature                     93 
_em_imaging.microscope_model                'FEI TECNAI F20' 
_em_imaging.nominal_defocus_min             1500. 
_em_imaging.nominal_defocus_max             4000. 
_em_imaging.tilt_angle_min                  0 
_em_imaging.tilt_angle_max                  0 
_em_imaging.nominal_cs                      2.0 
_em_imaging.mode                            'BRIGHT FIELD' 
_em_imaging.illumination_mode               'FLOOD BEAM' 
_em_imaging.nominal_magnification           50000 
_em_imaging.calibrated_magnification        49696 
_em_imaging.electron_source                 'FIELD EMISSION GUN' 
_em_imaging.accelerating_voltage            200 
_em_imaging.details                         ? 
_em_imaging.specimen_holder_type            ? 
_em_imaging.specimen_holder_model           ? 
_em_imaging.citation_id                     ? 
_em_imaging.detector_distance               ? 
_em_imaging.recording_temperature_maximum   ? 
_em_imaging.recording_temperature_minimum   ? 
_em_imaging.astigmatism                     ? 
_em_imaging.electron_beam_tilt_params       ? 
# 
_em_sample_support.id               1 
_em_sample_support.specimen_id      1 
_em_sample_support.details          'Quantifoil holley-carbon film grids' 
_em_sample_support.film_material    ? 
_em_sample_support.grid_material    ? 
_em_sample_support.grid_mesh_size   ? 
_em_sample_support.grid_type        ? 
_em_sample_support.method           ? 
# 
_em_vitrification.entry_id              1PN8 
_em_vitrification.id                    1 
_em_vitrification.cryogen_name          ETHANE 
_em_vitrification.details               'Rapid-freezing in liquid ethane' 
_em_vitrification.citation_id           ? 
_em_vitrification.humidity              ? 
_em_vitrification.instrument            ? 
_em_vitrification.method                ? 
_em_vitrification.specimen_id           1 
_em_vitrification.temp                  ? 
_em_vitrification.time_resolved_state   ? 
# 
_em_experiment.entry_id                1PN8 
_em_experiment.id                      1 
_em_experiment.aggregation_state       PARTICLE 
_em_experiment.entity_assembly_id      1 
_em_experiment.reconstruction_method   'SINGLE PARTICLE' 
# 
_em_single_particle_entity.entry_id              1PN8 
_em_single_particle_entity.id                    1 
_em_single_particle_entity.point_symmetry        C1 
_em_single_particle_entity.image_processing_id   1 
# 
loop_
_chem_comp_atom.comp_id 
_chem_comp_atom.atom_id 
_chem_comp_atom.type_symbol 
_chem_comp_atom.pdbx_aromatic_flag 
_chem_comp_atom.pdbx_stereo_config 
_chem_comp_atom.pdbx_ordinal 
A   OP3    O N N 1   
A   P      P N N 2   
A   OP1    O N N 3   
A   OP2    O N N 4   
A   "O5'"  O N N 5   
A   "C5'"  C N N 6   
A   "C4'"  C N R 7   
A   "O4'"  O N N 8   
A   "C3'"  C N S 9   
A   "O3'"  O N N 10  
A   "C2'"  C N R 11  
A   "O2'"  O N N 12  
A   "C1'"  C N R 13  
A   N9     N Y N 14  
A   C8     C Y N 15  
A   N7     N Y N 16  
A   C5     C Y N 17  
A   C6     C Y N 18  
A   N6     N N N 19  
A   N1     N Y N 20  
A   C2     C Y N 21  
A   N3     N Y N 22  
A   C4     C Y N 23  
A   HOP3   H N N 24  
A   HOP2   H N N 25  
A   "H5'"  H N N 26  
A   "H5''" H N N 27  
A   "H4'"  H N N 28  
A   "H3'"  H N N 29  
A   "HO3'" H N N 30  
A   "H2'"  H N N 31  
A   "HO2'" H N N 32  
A   "H1'"  H N N 33  
A   H8     H N N 34  
A   H61    H N N 35  
A   H62    H N N 36  
A   H2     H N N 37  
ALA N      N N N 38  
ALA CA     C N S 39  
ALA C      C N N 40  
ALA O      O N N 41  
ALA CB     C N N 42  
ALA OXT    O N N 43  
ALA H      H N N 44  
ALA H2     H N N 45  
ALA HA     H N N 46  
ALA HB1    H N N 47  
ALA HB2    H N N 48  
ALA HB3    H N N 49  
ALA HXT    H N N 50  
ARG N      N N N 51  
ARG CA     C N S 52  
ARG C      C N N 53  
ARG O      O N N 54  
ARG CB     C N N 55  
ARG CG     C N N 56  
ARG CD     C N N 57  
ARG NE     N N N 58  
ARG CZ     C N N 59  
ARG NH1    N N N 60  
ARG NH2    N N N 61  
ARG OXT    O N N 62  
ARG H      H N N 63  
ARG H2     H N N 64  
ARG HA     H N N 65  
ARG HB2    H N N 66  
ARG HB3    H N N 67  
ARG HG2    H N N 68  
ARG HG3    H N N 69  
ARG HD2    H N N 70  
ARG HD3    H N N 71  
ARG HE     H N N 72  
ARG HH11   H N N 73  
ARG HH12   H N N 74  
ARG HH21   H N N 75  
ARG HH22   H N N 76  
ARG HXT    H N N 77  
ASN N      N N N 78  
ASN CA     C N S 79  
ASN C      C N N 80  
ASN O      O N N 81  
ASN CB     C N N 82  
ASN CG     C N N 83  
ASN OD1    O N N 84  
ASN ND2    N N N 85  
ASN OXT    O N N 86  
ASN H      H N N 87  
ASN H2     H N N 88  
ASN HA     H N N 89  
ASN HB2    H N N 90  
ASN HB3    H N N 91  
ASN HD21   H N N 92  
ASN HD22   H N N 93  
ASN HXT    H N N 94  
ASP N      N N N 95  
ASP CA     C N S 96  
ASP C      C N N 97  
ASP O      O N N 98  
ASP CB     C N N 99  
ASP CG     C N N 100 
ASP OD1    O N N 101 
ASP OD2    O N N 102 
ASP OXT    O N N 103 
ASP H      H N N 104 
ASP H2     H N N 105 
ASP HA     H N N 106 
ASP HB2    H N N 107 
ASP HB3    H N N 108 
ASP HD2    H N N 109 
ASP HXT    H N N 110 
C   OP3    O N N 111 
C   P      P N N 112 
C   OP1    O N N 113 
C   OP2    O N N 114 
C   "O5'"  O N N 115 
C   "C5'"  C N N 116 
C   "C4'"  C N R 117 
C   "O4'"  O N N 118 
C   "C3'"  C N S 119 
C   "O3'"  O N N 120 
C   "C2'"  C N R 121 
C   "O2'"  O N N 122 
C   "C1'"  C N R 123 
C   N1     N N N 124 
C   C2     C N N 125 
C   O2     O N N 126 
C   N3     N N N 127 
C   C4     C N N 128 
C   N4     N N N 129 
C   C5     C N N 130 
C   C6     C N N 131 
C   HOP3   H N N 132 
C   HOP2   H N N 133 
C   "H5'"  H N N 134 
C   "H5''" H N N 135 
C   "H4'"  H N N 136 
C   "H3'"  H N N 137 
C   "HO3'" H N N 138 
C   "H2'"  H N N 139 
C   "HO2'" H N N 140 
C   "H1'"  H N N 141 
C   H41    H N N 142 
C   H42    H N N 143 
C   H5     H N N 144 
C   H6     H N N 145 
CYS N      N N N 146 
CYS CA     C N R 147 
CYS C      C N N 148 
CYS O      O N N 149 
CYS CB     C N N 150 
CYS SG     S N N 151 
CYS OXT    O N N 152 
CYS H      H N N 153 
CYS H2     H N N 154 
CYS HA     H N N 155 
CYS HB2    H N N 156 
CYS HB3    H N N 157 
CYS HG     H N N 158 
CYS HXT    H N N 159 
G   OP3    O N N 160 
G   P      P N N 161 
G   OP1    O N N 162 
G   OP2    O N N 163 
G   "O5'"  O N N 164 
G   "C5'"  C N N 165 
G   "C4'"  C N R 166 
G   "O4'"  O N N 167 
G   "C3'"  C N S 168 
G   "O3'"  O N N 169 
G   "C2'"  C N R 170 
G   "O2'"  O N N 171 
G   "C1'"  C N R 172 
G   N9     N Y N 173 
G   C8     C Y N 174 
G   N7     N Y N 175 
G   C5     C Y N 176 
G   C6     C N N 177 
G   O6     O N N 178 
G   N1     N N N 179 
G   C2     C N N 180 
G   N2     N N N 181 
G   N3     N N N 182 
G   C4     C Y N 183 
G   HOP3   H N N 184 
G   HOP2   H N N 185 
G   "H5'"  H N N 186 
G   "H5''" H N N 187 
G   "H4'"  H N N 188 
G   "H3'"  H N N 189 
G   "HO3'" H N N 190 
G   "H2'"  H N N 191 
G   "HO2'" H N N 192 
G   "H1'"  H N N 193 
G   H8     H N N 194 
G   H1     H N N 195 
G   H21    H N N 196 
G   H22    H N N 197 
GLN N      N N N 198 
GLN CA     C N S 199 
GLN C      C N N 200 
GLN O      O N N 201 
GLN CB     C N N 202 
GLN CG     C N N 203 
GLN CD     C N N 204 
GLN OE1    O N N 205 
GLN NE2    N N N 206 
GLN OXT    O N N 207 
GLN H      H N N 208 
GLN H2     H N N 209 
GLN HA     H N N 210 
GLN HB2    H N N 211 
GLN HB3    H N N 212 
GLN HG2    H N N 213 
GLN HG3    H N N 214 
GLN HE21   H N N 215 
GLN HE22   H N N 216 
GLN HXT    H N N 217 
GLU N      N N N 218 
GLU CA     C N S 219 
GLU C      C N N 220 
GLU O      O N N 221 
GLU CB     C N N 222 
GLU CG     C N N 223 
GLU CD     C N N 224 
GLU OE1    O N N 225 
GLU OE2    O N N 226 
GLU OXT    O N N 227 
GLU H      H N N 228 
GLU H2     H N N 229 
GLU HA     H N N 230 
GLU HB2    H N N 231 
GLU HB3    H N N 232 
GLU HG2    H N N 233 
GLU HG3    H N N 234 
GLU HE2    H N N 235 
GLU HXT    H N N 236 
GLY N      N N N 237 
GLY CA     C N N 238 
GLY C      C N N 239 
GLY O      O N N 240 
GLY OXT    O N N 241 
GLY H      H N N 242 
GLY H2     H N N 243 
GLY HA2    H N N 244 
GLY HA3    H N N 245 
GLY HXT    H N N 246 
HIS N      N N N 247 
HIS CA     C N S 248 
HIS C      C N N 249 
HIS O      O N N 250 
HIS CB     C N N 251 
HIS CG     C Y N 252 
HIS ND1    N Y N 253 
HIS CD2    C Y N 254 
HIS CE1    C Y N 255 
HIS NE2    N Y N 256 
HIS OXT    O N N 257 
HIS H      H N N 258 
HIS H2     H N N 259 
HIS HA     H N N 260 
HIS HB2    H N N 261 
HIS HB3    H N N 262 
HIS HD1    H N N 263 
HIS HD2    H N N 264 
HIS HE1    H N N 265 
HIS HE2    H N N 266 
HIS HXT    H N N 267 
ILE N      N N N 268 
ILE CA     C N S 269 
ILE C      C N N 270 
ILE O      O N N 271 
ILE CB     C N S 272 
ILE CG1    C N N 273 
ILE CG2    C N N 274 
ILE CD1    C N N 275 
ILE OXT    O N N 276 
ILE H      H N N 277 
ILE H2     H N N 278 
ILE HA     H N N 279 
ILE HB     H N N 280 
ILE HG12   H N N 281 
ILE HG13   H N N 282 
ILE HG21   H N N 283 
ILE HG22   H N N 284 
ILE HG23   H N N 285 
ILE HD11   H N N 286 
ILE HD12   H N N 287 
ILE HD13   H N N 288 
ILE HXT    H N N 289 
LEU N      N N N 290 
LEU CA     C N S 291 
LEU C      C N N 292 
LEU O      O N N 293 
LEU CB     C N N 294 
LEU CG     C N N 295 
LEU CD1    C N N 296 
LEU CD2    C N N 297 
LEU OXT    O N N 298 
LEU H      H N N 299 
LEU H2     H N N 300 
LEU HA     H N N 301 
LEU HB2    H N N 302 
LEU HB3    H N N 303 
LEU HG     H N N 304 
LEU HD11   H N N 305 
LEU HD12   H N N 306 
LEU HD13   H N N 307 
LEU HD21   H N N 308 
LEU HD22   H N N 309 
LEU HD23   H N N 310 
LEU HXT    H N N 311 
LYS N      N N N 312 
LYS CA     C N S 313 
LYS C      C N N 314 
LYS O      O N N 315 
LYS CB     C N N 316 
LYS CG     C N N 317 
LYS CD     C N N 318 
LYS CE     C N N 319 
LYS NZ     N N N 320 
LYS OXT    O N N 321 
LYS H      H N N 322 
LYS H2     H N N 323 
LYS HA     H N N 324 
LYS HB2    H N N 325 
LYS HB3    H N N 326 
LYS HG2    H N N 327 
LYS HG3    H N N 328 
LYS HD2    H N N 329 
LYS HD3    H N N 330 
LYS HE2    H N N 331 
LYS HE3    H N N 332 
LYS HZ1    H N N 333 
LYS HZ2    H N N 334 
LYS HZ3    H N N 335 
LYS HXT    H N N 336 
MET N      N N N 337 
MET CA     C N S 338 
MET C      C N N 339 
MET O      O N N 340 
MET CB     C N N 341 
MET CG     C N N 342 
MET SD     S N N 343 
MET CE     C N N 344 
MET OXT    O N N 345 
MET H      H N N 346 
MET H2     H N N 347 
MET HA     H N N 348 
MET HB2    H N N 349 
MET HB3    H N N 350 
MET HG2    H N N 351 
MET HG3    H N N 352 
MET HE1    H N N 353 
MET HE2    H N N 354 
MET HE3    H N N 355 
MET HXT    H N N 356 
PHE N      N N N 357 
PHE CA     C N S 358 
PHE C      C N N 359 
PHE O      O N N 360 
PHE CB     C N N 361 
PHE CG     C Y N 362 
PHE CD1    C Y N 363 
PHE CD2    C Y N 364 
PHE CE1    C Y N 365 
PHE CE2    C Y N 366 
PHE CZ     C Y N 367 
PHE OXT    O N N 368 
PHE H      H N N 369 
PHE H2     H N N 370 
PHE HA     H N N 371 
PHE HB2    H N N 372 
PHE HB3    H N N 373 
PHE HD1    H N N 374 
PHE HD2    H N N 375 
PHE HE1    H N N 376 
PHE HE2    H N N 377 
PHE HZ     H N N 378 
PHE HXT    H N N 379 
PRO N      N N N 380 
PRO CA     C N S 381 
PRO C      C N N 382 
PRO O      O N N 383 
PRO CB     C N N 384 
PRO CG     C N N 385 
PRO CD     C N N 386 
PRO OXT    O N N 387 
PRO H      H N N 388 
PRO HA     H N N 389 
PRO HB2    H N N 390 
PRO HB3    H N N 391 
PRO HG2    H N N 392 
PRO HG3    H N N 393 
PRO HD2    H N N 394 
PRO HD3    H N N 395 
PRO HXT    H N N 396 
SER N      N N N 397 
SER CA     C N S 398 
SER C      C N N 399 
SER O      O N N 400 
SER CB     C N N 401 
SER OG     O N N 402 
SER OXT    O N N 403 
SER H      H N N 404 
SER H2     H N N 405 
SER HA     H N N 406 
SER HB2    H N N 407 
SER HB3    H N N 408 
SER HG     H N N 409 
SER HXT    H N N 410 
THR N      N N N 411 
THR CA     C N S 412 
THR C      C N N 413 
THR O      O N N 414 
THR CB     C N R 415 
THR OG1    O N N 416 
THR CG2    C N N 417 
THR OXT    O N N 418 
THR H      H N N 419 
THR H2     H N N 420 
THR HA     H N N 421 
THR HB     H N N 422 
THR HG1    H N N 423 
THR HG21   H N N 424 
THR HG22   H N N 425 
THR HG23   H N N 426 
THR HXT    H N N 427 
TYR N      N N N 428 
TYR CA     C N S 429 
TYR C      C N N 430 
TYR O      O N N 431 
TYR CB     C N N 432 
TYR CG     C Y N 433 
TYR CD1    C Y N 434 
TYR CD2    C Y N 435 
TYR CE1    C Y N 436 
TYR CE2    C Y N 437 
TYR CZ     C Y N 438 
TYR OH     O N N 439 
TYR OXT    O N N 440 
TYR H      H N N 441 
TYR H2     H N N 442 
TYR HA     H N N 443 
TYR HB2    H N N 444 
TYR HB3    H N N 445 
TYR HD1    H N N 446 
TYR HD2    H N N 447 
TYR HE1    H N N 448 
TYR HE2    H N N 449 
TYR HH     H N N 450 
TYR HXT    H N N 451 
U   OP3    O N N 452 
U   P      P N N 453 
U   OP1    O N N 454 
U   OP2    O N N 455 
U   "O5'"  O N N 456 
U   "C5'"  C N N 457 
U   "C4'"  C N R 458 
U   "O4'"  O N N 459 
U   "C3'"  C N S 460 
U   "O3'"  O N N 461 
U   "C2'"  C N R 462 
U   "O2'"  O N N 463 
U   "C1'"  C N R 464 
U   N1     N N N 465 
U   C2     C N N 466 
U   O2     O N N 467 
U   N3     N N N 468 
U   C4     C N N 469 
U   O4     O N N 470 
U   C5     C N N 471 
U   C6     C N N 472 
U   HOP3   H N N 473 
U   HOP2   H N N 474 
U   "H5'"  H N N 475 
U   "H5''" H N N 476 
U   "H4'"  H N N 477 
U   "H3'"  H N N 478 
U   "HO3'" H N N 479 
U   "H2'"  H N N 480 
U   "HO2'" H N N 481 
U   "H1'"  H N N 482 
U   H3     H N N 483 
U   H5     H N N 484 
U   H6     H N N 485 
VAL N      N N N 486 
VAL CA     C N S 487 
VAL C      C N N 488 
VAL O      O N N 489 
VAL CB     C N N 490 
VAL CG1    C N N 491 
VAL CG2    C N N 492 
VAL OXT    O N N 493 
VAL H      H N N 494 
VAL H2     H N N 495 
VAL HA     H N N 496 
VAL HB     H N N 497 
VAL HG11   H N N 498 
VAL HG12   H N N 499 
VAL HG13   H N N 500 
VAL HG21   H N N 501 
VAL HG22   H N N 502 
VAL HG23   H N N 503 
VAL HXT    H N N 504 
# 
loop_
_chem_comp_bond.comp_id 
_chem_comp_bond.atom_id_1 
_chem_comp_bond.atom_id_2 
_chem_comp_bond.value_order 
_chem_comp_bond.pdbx_aromatic_flag 
_chem_comp_bond.pdbx_stereo_config 
_chem_comp_bond.pdbx_ordinal 
A   OP3   P      sing N N 1   
A   OP3   HOP3   sing N N 2   
A   P     OP1    doub N N 3   
A   P     OP2    sing N N 4   
A   P     "O5'"  sing N N 5   
A   OP2   HOP2   sing N N 6   
A   "O5'" "C5'"  sing N N 7   
A   "C5'" "C4'"  sing N N 8   
A   "C5'" "H5'"  sing N N 9   
A   "C5'" "H5''" sing N N 10  
A   "C4'" "O4'"  sing N N 11  
A   "C4'" "C3'"  sing N N 12  
A   "C4'" "H4'"  sing N N 13  
A   "O4'" "C1'"  sing N N 14  
A   "C3'" "O3'"  sing N N 15  
A   "C3'" "C2'"  sing N N 16  
A   "C3'" "H3'"  sing N N 17  
A   "O3'" "HO3'" sing N N 18  
A   "C2'" "O2'"  sing N N 19  
A   "C2'" "C1'"  sing N N 20  
A   "C2'" "H2'"  sing N N 21  
A   "O2'" "HO2'" sing N N 22  
A   "C1'" N9     sing N N 23  
A   "C1'" "H1'"  sing N N 24  
A   N9    C8     sing Y N 25  
A   N9    C4     sing Y N 26  
A   C8    N7     doub Y N 27  
A   C8    H8     sing N N 28  
A   N7    C5     sing Y N 29  
A   C5    C6     sing Y N 30  
A   C5    C4     doub Y N 31  
A   C6    N6     sing N N 32  
A   C6    N1     doub Y N 33  
A   N6    H61    sing N N 34  
A   N6    H62    sing N N 35  
A   N1    C2     sing Y N 36  
A   C2    N3     doub Y N 37  
A   C2    H2     sing N N 38  
A   N3    C4     sing Y N 39  
ALA N     CA     sing N N 40  
ALA N     H      sing N N 41  
ALA N     H2     sing N N 42  
ALA CA    C      sing N N 43  
ALA CA    CB     sing N N 44  
ALA CA    HA     sing N N 45  
ALA C     O      doub N N 46  
ALA C     OXT    sing N N 47  
ALA CB    HB1    sing N N 48  
ALA CB    HB2    sing N N 49  
ALA CB    HB3    sing N N 50  
ALA OXT   HXT    sing N N 51  
ARG N     CA     sing N N 52  
ARG N     H      sing N N 53  
ARG N     H2     sing N N 54  
ARG CA    C      sing N N 55  
ARG CA    CB     sing N N 56  
ARG CA    HA     sing N N 57  
ARG C     O      doub N N 58  
ARG C     OXT    sing N N 59  
ARG CB    CG     sing N N 60  
ARG CB    HB2    sing N N 61  
ARG CB    HB3    sing N N 62  
ARG CG    CD     sing N N 63  
ARG CG    HG2    sing N N 64  
ARG CG    HG3    sing N N 65  
ARG CD    NE     sing N N 66  
ARG CD    HD2    sing N N 67  
ARG CD    HD3    sing N N 68  
ARG NE    CZ     sing N N 69  
ARG NE    HE     sing N N 70  
ARG CZ    NH1    sing N N 71  
ARG CZ    NH2    doub N N 72  
ARG NH1   HH11   sing N N 73  
ARG NH1   HH12   sing N N 74  
ARG NH2   HH21   sing N N 75  
ARG NH2   HH22   sing N N 76  
ARG OXT   HXT    sing N N 77  
ASN N     CA     sing N N 78  
ASN N     H      sing N N 79  
ASN N     H2     sing N N 80  
ASN CA    C      sing N N 81  
ASN CA    CB     sing N N 82  
ASN CA    HA     sing N N 83  
ASN C     O      doub N N 84  
ASN C     OXT    sing N N 85  
ASN CB    CG     sing N N 86  
ASN CB    HB2    sing N N 87  
ASN CB    HB3    sing N N 88  
ASN CG    OD1    doub N N 89  
ASN CG    ND2    sing N N 90  
ASN ND2   HD21   sing N N 91  
ASN ND2   HD22   sing N N 92  
ASN OXT   HXT    sing N N 93  
ASP N     CA     sing N N 94  
ASP N     H      sing N N 95  
ASP N     H2     sing N N 96  
ASP CA    C      sing N N 97  
ASP CA    CB     sing N N 98  
ASP CA    HA     sing N N 99  
ASP C     O      doub N N 100 
ASP C     OXT    sing N N 101 
ASP CB    CG     sing N N 102 
ASP CB    HB2    sing N N 103 
ASP CB    HB3    sing N N 104 
ASP CG    OD1    doub N N 105 
ASP CG    OD2    sing N N 106 
ASP OD2   HD2    sing N N 107 
ASP OXT   HXT    sing N N 108 
C   OP3   P      sing N N 109 
C   OP3   HOP3   sing N N 110 
C   P     OP1    doub N N 111 
C   P     OP2    sing N N 112 
C   P     "O5'"  sing N N 113 
C   OP2   HOP2   sing N N 114 
C   "O5'" "C5'"  sing N N 115 
C   "C5'" "C4'"  sing N N 116 
C   "C5'" "H5'"  sing N N 117 
C   "C5'" "H5''" sing N N 118 
C   "C4'" "O4'"  sing N N 119 
C   "C4'" "C3'"  sing N N 120 
C   "C4'" "H4'"  sing N N 121 
C   "O4'" "C1'"  sing N N 122 
C   "C3'" "O3'"  sing N N 123 
C   "C3'" "C2'"  sing N N 124 
C   "C3'" "H3'"  sing N N 125 
C   "O3'" "HO3'" sing N N 126 
C   "C2'" "O2'"  sing N N 127 
C   "C2'" "C1'"  sing N N 128 
C   "C2'" "H2'"  sing N N 129 
C   "O2'" "HO2'" sing N N 130 
C   "C1'" N1     sing N N 131 
C   "C1'" "H1'"  sing N N 132 
C   N1    C2     sing N N 133 
C   N1    C6     sing N N 134 
C   C2    O2     doub N N 135 
C   C2    N3     sing N N 136 
C   N3    C4     doub N N 137 
C   C4    N4     sing N N 138 
C   C4    C5     sing N N 139 
C   N4    H41    sing N N 140 
C   N4    H42    sing N N 141 
C   C5    C6     doub N N 142 
C   C5    H5     sing N N 143 
C   C6    H6     sing N N 144 
CYS N     CA     sing N N 145 
CYS N     H      sing N N 146 
CYS N     H2     sing N N 147 
CYS CA    C      sing N N 148 
CYS CA    CB     sing N N 149 
CYS CA    HA     sing N N 150 
CYS C     O      doub N N 151 
CYS C     OXT    sing N N 152 
CYS CB    SG     sing N N 153 
CYS CB    HB2    sing N N 154 
CYS CB    HB3    sing N N 155 
CYS SG    HG     sing N N 156 
CYS OXT   HXT    sing N N 157 
G   OP3   P      sing N N 158 
G   OP3   HOP3   sing N N 159 
G   P     OP1    doub N N 160 
G   P     OP2    sing N N 161 
G   P     "O5'"  sing N N 162 
G   OP2   HOP2   sing N N 163 
G   "O5'" "C5'"  sing N N 164 
G   "C5'" "C4'"  sing N N 165 
G   "C5'" "H5'"  sing N N 166 
G   "C5'" "H5''" sing N N 167 
G   "C4'" "O4'"  sing N N 168 
G   "C4'" "C3'"  sing N N 169 
G   "C4'" "H4'"  sing N N 170 
G   "O4'" "C1'"  sing N N 171 
G   "C3'" "O3'"  sing N N 172 
G   "C3'" "C2'"  sing N N 173 
G   "C3'" "H3'"  sing N N 174 
G   "O3'" "HO3'" sing N N 175 
G   "C2'" "O2'"  sing N N 176 
G   "C2'" "C1'"  sing N N 177 
G   "C2'" "H2'"  sing N N 178 
G   "O2'" "HO2'" sing N N 179 
G   "C1'" N9     sing N N 180 
G   "C1'" "H1'"  sing N N 181 
G   N9    C8     sing Y N 182 
G   N9    C4     sing Y N 183 
G   C8    N7     doub Y N 184 
G   C8    H8     sing N N 185 
G   N7    C5     sing Y N 186 
G   C5    C6     sing N N 187 
G   C5    C4     doub Y N 188 
G   C6    O6     doub N N 189 
G   C6    N1     sing N N 190 
G   N1    C2     sing N N 191 
G   N1    H1     sing N N 192 
G   C2    N2     sing N N 193 
G   C2    N3     doub N N 194 
G   N2    H21    sing N N 195 
G   N2    H22    sing N N 196 
G   N3    C4     sing N N 197 
GLN N     CA     sing N N 198 
GLN N     H      sing N N 199 
GLN N     H2     sing N N 200 
GLN CA    C      sing N N 201 
GLN CA    CB     sing N N 202 
GLN CA    HA     sing N N 203 
GLN C     O      doub N N 204 
GLN C     OXT    sing N N 205 
GLN CB    CG     sing N N 206 
GLN CB    HB2    sing N N 207 
GLN CB    HB3    sing N N 208 
GLN CG    CD     sing N N 209 
GLN CG    HG2    sing N N 210 
GLN CG    HG3    sing N N 211 
GLN CD    OE1    doub N N 212 
GLN CD    NE2    sing N N 213 
GLN NE2   HE21   sing N N 214 
GLN NE2   HE22   sing N N 215 
GLN OXT   HXT    sing N N 216 
GLU N     CA     sing N N 217 
GLU N     H      sing N N 218 
GLU N     H2     sing N N 219 
GLU CA    C      sing N N 220 
GLU CA    CB     sing N N 221 
GLU CA    HA     sing N N 222 
GLU C     O      doub N N 223 
GLU C     OXT    sing N N 224 
GLU CB    CG     sing N N 225 
GLU CB    HB2    sing N N 226 
GLU CB    HB3    sing N N 227 
GLU CG    CD     sing N N 228 
GLU CG    HG2    sing N N 229 
GLU CG    HG3    sing N N 230 
GLU CD    OE1    doub N N 231 
GLU CD    OE2    sing N N 232 
GLU OE2   HE2    sing N N 233 
GLU OXT   HXT    sing N N 234 
GLY N     CA     sing N N 235 
GLY N     H      sing N N 236 
GLY N     H2     sing N N 237 
GLY CA    C      sing N N 238 
GLY CA    HA2    sing N N 239 
GLY CA    HA3    sing N N 240 
GLY C     O      doub N N 241 
GLY C     OXT    sing N N 242 
GLY OXT   HXT    sing N N 243 
HIS N     CA     sing N N 244 
HIS N     H      sing N N 245 
HIS N     H2     sing N N 246 
HIS CA    C      sing N N 247 
HIS CA    CB     sing N N 248 
HIS CA    HA     sing N N 249 
HIS C     O      doub N N 250 
HIS C     OXT    sing N N 251 
HIS CB    CG     sing N N 252 
HIS CB    HB2    sing N N 253 
HIS CB    HB3    sing N N 254 
HIS CG    ND1    sing Y N 255 
HIS CG    CD2    doub Y N 256 
HIS ND1   CE1    doub Y N 257 
HIS ND1   HD1    sing N N 258 
HIS CD2   NE2    sing Y N 259 
HIS CD2   HD2    sing N N 260 
HIS CE1   NE2    sing Y N 261 
HIS CE1   HE1    sing N N 262 
HIS NE2   HE2    sing N N 263 
HIS OXT   HXT    sing N N 264 
ILE N     CA     sing N N 265 
ILE N     H      sing N N 266 
ILE N     H2     sing N N 267 
ILE CA    C      sing N N 268 
ILE CA    CB     sing N N 269 
ILE CA    HA     sing N N 270 
ILE C     O      doub N N 271 
ILE C     OXT    sing N N 272 
ILE CB    CG1    sing N N 273 
ILE CB    CG2    sing N N 274 
ILE CB    HB     sing N N 275 
ILE CG1   CD1    sing N N 276 
ILE CG1   HG12   sing N N 277 
ILE CG1   HG13   sing N N 278 
ILE CG2   HG21   sing N N 279 
ILE CG2   HG22   sing N N 280 
ILE CG2   HG23   sing N N 281 
ILE CD1   HD11   sing N N 282 
ILE CD1   HD12   sing N N 283 
ILE CD1   HD13   sing N N 284 
ILE OXT   HXT    sing N N 285 
LEU N     CA     sing N N 286 
LEU N     H      sing N N 287 
LEU N     H2     sing N N 288 
LEU CA    C      sing N N 289 
LEU CA    CB     sing N N 290 
LEU CA    HA     sing N N 291 
LEU C     O      doub N N 292 
LEU C     OXT    sing N N 293 
LEU CB    CG     sing N N 294 
LEU CB    HB2    sing N N 295 
LEU CB    HB3    sing N N 296 
LEU CG    CD1    sing N N 297 
LEU CG    CD2    sing N N 298 
LEU CG    HG     sing N N 299 
LEU CD1   HD11   sing N N 300 
LEU CD1   HD12   sing N N 301 
LEU CD1   HD13   sing N N 302 
LEU CD2   HD21   sing N N 303 
LEU CD2   HD22   sing N N 304 
LEU CD2   HD23   sing N N 305 
LEU OXT   HXT    sing N N 306 
LYS N     CA     sing N N 307 
LYS N     H      sing N N 308 
LYS N     H2     sing N N 309 
LYS CA    C      sing N N 310 
LYS CA    CB     sing N N 311 
LYS CA    HA     sing N N 312 
LYS C     O      doub N N 313 
LYS C     OXT    sing N N 314 
LYS CB    CG     sing N N 315 
LYS CB    HB2    sing N N 316 
LYS CB    HB3    sing N N 317 
LYS CG    CD     sing N N 318 
LYS CG    HG2    sing N N 319 
LYS CG    HG3    sing N N 320 
LYS CD    CE     sing N N 321 
LYS CD    HD2    sing N N 322 
LYS CD    HD3    sing N N 323 
LYS CE    NZ     sing N N 324 
LYS CE    HE2    sing N N 325 
LYS CE    HE3    sing N N 326 
LYS NZ    HZ1    sing N N 327 
LYS NZ    HZ2    sing N N 328 
LYS NZ    HZ3    sing N N 329 
LYS OXT   HXT    sing N N 330 
MET N     CA     sing N N 331 
MET N     H      sing N N 332 
MET N     H2     sing N N 333 
MET CA    C      sing N N 334 
MET CA    CB     sing N N 335 
MET CA    HA     sing N N 336 
MET C     O      doub N N 337 
MET C     OXT    sing N N 338 
MET CB    CG     sing N N 339 
MET CB    HB2    sing N N 340 
MET CB    HB3    sing N N 341 
MET CG    SD     sing N N 342 
MET CG    HG2    sing N N 343 
MET CG    HG3    sing N N 344 
MET SD    CE     sing N N 345 
MET CE    HE1    sing N N 346 
MET CE    HE2    sing N N 347 
MET CE    HE3    sing N N 348 
MET OXT   HXT    sing N N 349 
PHE N     CA     sing N N 350 
PHE N     H      sing N N 351 
PHE N     H2     sing N N 352 
PHE CA    C      sing N N 353 
PHE CA    CB     sing N N 354 
PHE CA    HA     sing N N 355 
PHE C     O      doub N N 356 
PHE C     OXT    sing N N 357 
PHE CB    CG     sing N N 358 
PHE CB    HB2    sing N N 359 
PHE CB    HB3    sing N N 360 
PHE CG    CD1    doub Y N 361 
PHE CG    CD2    sing Y N 362 
PHE CD1   CE1    sing Y N 363 
PHE CD1   HD1    sing N N 364 
PHE CD2   CE2    doub Y N 365 
PHE CD2   HD2    sing N N 366 
PHE CE1   CZ     doub Y N 367 
PHE CE1   HE1    sing N N 368 
PHE CE2   CZ     sing Y N 369 
PHE CE2   HE2    sing N N 370 
PHE CZ    HZ     sing N N 371 
PHE OXT   HXT    sing N N 372 
PRO N     CA     sing N N 373 
PRO N     CD     sing N N 374 
PRO N     H      sing N N 375 
PRO CA    C      sing N N 376 
PRO CA    CB     sing N N 377 
PRO CA    HA     sing N N 378 
PRO C     O      doub N N 379 
PRO C     OXT    sing N N 380 
PRO CB    CG     sing N N 381 
PRO CB    HB2    sing N N 382 
PRO CB    HB3    sing N N 383 
PRO CG    CD     sing N N 384 
PRO CG    HG2    sing N N 385 
PRO CG    HG3    sing N N 386 
PRO CD    HD2    sing N N 387 
PRO CD    HD3    sing N N 388 
PRO OXT   HXT    sing N N 389 
SER N     CA     sing N N 390 
SER N     H      sing N N 391 
SER N     H2     sing N N 392 
SER CA    C      sing N N 393 
SER CA    CB     sing N N 394 
SER CA    HA     sing N N 395 
SER C     O      doub N N 396 
SER C     OXT    sing N N 397 
SER CB    OG     sing N N 398 
SER CB    HB2    sing N N 399 
SER CB    HB3    sing N N 400 
SER OG    HG     sing N N 401 
SER OXT   HXT    sing N N 402 
THR N     CA     sing N N 403 
THR N     H      sing N N 404 
THR N     H2     sing N N 405 
THR CA    C      sing N N 406 
THR CA    CB     sing N N 407 
THR CA    HA     sing N N 408 
THR C     O      doub N N 409 
THR C     OXT    sing N N 410 
THR CB    OG1    sing N N 411 
THR CB    CG2    sing N N 412 
THR CB    HB     sing N N 413 
THR OG1   HG1    sing N N 414 
THR CG2   HG21   sing N N 415 
THR CG2   HG22   sing N N 416 
THR CG2   HG23   sing N N 417 
THR OXT   HXT    sing N N 418 
TYR N     CA     sing N N 419 
TYR N     H      sing N N 420 
TYR N     H2     sing N N 421 
TYR CA    C      sing N N 422 
TYR CA    CB     sing N N 423 
TYR CA    HA     sing N N 424 
TYR C     O      doub N N 425 
TYR C     OXT    sing N N 426 
TYR CB    CG     sing N N 427 
TYR CB    HB2    sing N N 428 
TYR CB    HB3    sing N N 429 
TYR CG    CD1    doub Y N 430 
TYR CG    CD2    sing Y N 431 
TYR CD1   CE1    sing Y N 432 
TYR CD1   HD1    sing N N 433 
TYR CD2   CE2    doub Y N 434 
TYR CD2   HD2    sing N N 435 
TYR CE1   CZ     doub Y N 436 
TYR CE1   HE1    sing N N 437 
TYR CE2   CZ     sing Y N 438 
TYR CE2   HE2    sing N N 439 
TYR CZ    OH     sing N N 440 
TYR OH    HH     sing N N 441 
TYR OXT   HXT    sing N N 442 
U   OP3   P      sing N N 443 
U   OP3   HOP3   sing N N 444 
U   P     OP1    doub N N 445 
U   P     OP2    sing N N 446 
U   P     "O5'"  sing N N 447 
U   OP2   HOP2   sing N N 448 
U   "O5'" "C5'"  sing N N 449 
U   "C5'" "C4'"  sing N N 450 
U   "C5'" "H5'"  sing N N 451 
U   "C5'" "H5''" sing N N 452 
U   "C4'" "O4'"  sing N N 453 
U   "C4'" "C3'"  sing N N 454 
U   "C4'" "H4'"  sing N N 455 
U   "O4'" "C1'"  sing N N 456 
U   "C3'" "O3'"  sing N N 457 
U   "C3'" "C2'"  sing N N 458 
U   "C3'" "H3'"  sing N N 459 
U   "O3'" "HO3'" sing N N 460 
U   "C2'" "O2'"  sing N N 461 
U   "C2'" "C1'"  sing N N 462 
U   "C2'" "H2'"  sing N N 463 
U   "O2'" "HO2'" sing N N 464 
U   "C1'" N1     sing N N 465 
U   "C1'" "H1'"  sing N N 466 
U   N1    C2     sing N N 467 
U   N1    C6     sing N N 468 
U   C2    O2     doub N N 469 
U   C2    N3     sing N N 470 
U   N3    C4     sing N N 471 
U   N3    H3     sing N N 472 
U   C4    O4     doub N N 473 
U   C4    C5     sing N N 474 
U   C5    C6     doub N N 475 
U   C5    H5     sing N N 476 
U   C6    H6     sing N N 477 
VAL N     CA     sing N N 478 
VAL N     H      sing N N 479 
VAL N     H2     sing N N 480 
VAL CA    C      sing N N 481 
VAL CA    CB     sing N N 482 
VAL CA    HA     sing N N 483 
VAL C     O      doub N N 484 
VAL C     OXT    sing N N 485 
VAL CB    CG1    sing N N 486 
VAL CB    CG2    sing N N 487 
VAL CB    HB     sing N N 488 
VAL CG1   HG11   sing N N 489 
VAL CG1   HG12   sing N N 490 
VAL CG1   HG13   sing N N 491 
VAL CG2   HG21   sing N N 492 
VAL CG2   HG22   sing N N 493 
VAL CG2   HG23   sing N N 494 
VAL OXT   HXT    sing N N 495 
# 
_em_ctf_correction.id        1 
_em_ctf_correction.details   'CTF correction of 3D-maps by Wiener filteration' 
_em_ctf_correction.type      . 
# 
_em_image_processing.id                   1 
_em_image_processing.image_recording_id   1 
_em_image_processing.details              ? 
# 
_em_image_recording.details                       ? 
_em_image_recording.id                            1 
_em_image_recording.avg_electron_dose_per_image   20 
_em_image_recording.film_or_detector_model        'KODAK SO-163 FILM' 
_em_image_recording.imaging_id                    1 
_em_image_recording.detector_mode                 ? 
_em_image_recording.average_exposure_time         ? 
_em_image_recording.num_diffraction_images        ? 
_em_image_recording.num_grids_imaged              ? 
_em_image_recording.num_real_images               ? 
# 
_em_specimen.experiment_id           1 
_em_specimen.id                      1 
_em_specimen.concentration           32 
_em_specimen.vitrification_applied   YES 
_em_specimen.staining_applied        NO 
_em_specimen.embedding_applied       NO 
_em_specimen.shadowing_applied       NO 
_em_specimen.details                 ? 
# 
loop_
_pdbx_coordinate_model.asym_id 
_pdbx_coordinate_model.type 
A 'P ATOMS ONLY'  
B 'CA ATOMS ONLY' 
C 'CA ATOMS ONLY' 
# 
loop_
_pdbx_initial_refinement_model.id 
_pdbx_initial_refinement_model.type 
_pdbx_initial_refinement_model.source_name 
_pdbx_initial_refinement_model.accession_code 
1 'experimental model' PDB 1GIX 
2 'experimental model' PDB 1GIY 
# 
_atom_sites.entry_id                    1PN8 
_atom_sites.fract_transf_matrix[1][1]   1.000000 
_atom_sites.fract_transf_matrix[1][2]   0.000000 
_atom_sites.fract_transf_matrix[1][3]   0.000000 
_atom_sites.fract_transf_matrix[2][1]   0.000000 
_atom_sites.fract_transf_matrix[2][2]   1.000000 
_atom_sites.fract_transf_matrix[2][3]   0.000000 
_atom_sites.fract_transf_matrix[3][1]   0.000000 
_atom_sites.fract_transf_matrix[3][2]   0.000000 
_atom_sites.fract_transf_matrix[3][3]   1.000000 
_atom_sites.fract_transf_vector[1]      0.00000 
_atom_sites.fract_transf_vector[2]      0.00000 
_atom_sites.fract_transf_vector[3]      0.00000 
# 
loop_
_atom_type.symbol 
C 
P 
# 
loop_
_atom_site.group_PDB 
_atom_site.id 
_atom_site.type_symbol 
_atom_site.label_atom_id 
_atom_site.label_alt_id 
_atom_site.label_comp_id 
_atom_site.label_asym_id 
_atom_site.label_entity_id 
_atom_site.label_seq_id 
_atom_site.pdbx_PDB_ins_code 
_atom_site.Cartn_x 
_atom_site.Cartn_y 
_atom_site.Cartn_z 
_atom_site.occupancy 
_atom_site.B_iso_or_equiv 
_atom_site.pdbx_formal_charge 
_atom_site.auth_seq_id 
_atom_site.auth_comp_id 
_atom_site.auth_asym_id 
_atom_site.auth_atom_id 
_atom_site.pdbx_PDB_model_num 
ATOM 1   P P  . U   A 1 1   ? -88.573  -60.103 -0.076  1.00 0.00 ? 1   U   D P  1 
ATOM 2   P P  . C   A 1 2   ? -90.824  -61.319 -5.249  1.00 0.00 ? 2   C   D P  1 
ATOM 3   P P  . C   A 1 3   ? -93.422  -62.103 -10.407 1.00 0.00 ? 3   C   D P  1 
ATOM 4   P P  . G   A 1 4   ? -92.890  -62.060 -15.809 1.00 0.00 ? 4   G   D P  1 
ATOM 5   P P  . U   A 1 5   ? -91.205  -59.504 -21.269 1.00 0.00 ? 5   U   D P  1 
ATOM 6   P P  . G   A 1 6   ? -86.677  -57.329 -24.092 1.00 0.00 ? 6   G   D P  1 
ATOM 7   P P  . A   A 1 7   ? -80.910  -55.747 -24.970 1.00 0.00 ? 7   A   D P  1 
ATOM 8   P P  . A   A 1 8   ? -69.211  -54.504 -23.001 1.00 0.00 ? 9   A   D P  1 
ATOM 9   P P  . A   A 1 9   ? -63.103  -53.226 -22.400 1.00 0.00 ? 10  A   D P  1 
ATOM 10  P P  . C   A 1 10  ? -67.181  -49.220 -20.951 1.00 0.00 ? 11  C   D P  1 
ATOM 11  P P  . A   A 1 11  ? -72.189  -46.162 -23.573 1.00 0.00 ? 12  A   D P  1 
ATOM 12  P P  . A   A 1 12  ? -76.336  -46.525 -27.496 1.00 0.00 ? 13  A   D P  1 
ATOM 13  P P  . A   A 1 13  ? -79.180  -50.624 -31.192 1.00 0.00 ? 14  A   D P  1 
ATOM 14  P P  . G   A 1 14  ? -80.767  -56.292 -33.895 1.00 0.00 ? 15  G   D P  1 
ATOM 15  P P  . C   A 1 15  ? -82.462  -61.052 -37.310 1.00 0.00 ? 16  C   D P  1 
ATOM 16  P P  . G   A 1 16  ? -85.334  -66.444 -36.263 1.00 0.00 ? 18  G   D P  1 
ATOM 17  P P  . G   A 1 17  ? -80.470  -68.188 -38.121 1.00 0.00 ? 19  G   D P  1 
ATOM 18  P P  . A   A 1 18  ? -67.471  -59.678 -37.443 1.00 0.00 ? 22  A   D P  1 
ATOM 19  P P  . U   A 1 19  ? -66.645  -55.101 -38.971 1.00 0.00 ? 23  U   D P  1 
ATOM 20  P P  . G   A 1 20  ? -66.147  -49.140 -39.069 1.00 0.00 ? 24  G   D P  1 
ATOM 21  P P  . U   A 1 21  ? -65.495  -44.115 -36.827 1.00 0.00 ? 25  U   D P  1 
ATOM 22  P P  . A   A 1 22  ? -62.920  -39.240 -32.764 1.00 0.00 ? 26  A   D P  1 
ATOM 23  P P  . C   A 1 23  ? -58.903  -40.181 -29.479 1.00 0.00 ? 27  C   D P  1 
ATOM 24  P P  . C   A 1 24  ? -53.721  -42.444 -29.433 1.00 0.00 ? 28  C   D P  1 
ATOM 25  P P  . G   A 1 25  ? -49.004  -44.352 -31.716 1.00 0.00 ? 29  G   D P  1 
ATOM 26  P P  . G   A 1 26  ? -46.641  -45.375 -37.649 1.00 0.00 ? 30  G   D P  1 
ATOM 27  P P  . A   A 1 27  ? -45.770  -43.943 -42.983 1.00 0.00 ? 31  A   D P  1 
ATOM 28  P P  . U   A 1 28  ? -46.804  -40.979 -47.593 1.00 0.00 ? 32  U   D P  1 
ATOM 29  P P  . U   A 1 29  ? -48.105  -36.334 -50.085 1.00 0.00 ? 33  U   D P  1 
ATOM 30  P P  . U   A 1 30  ? -48.924  -30.344 -49.933 1.00 0.00 ? 34  U   D P  1 
ATOM 31  P P  . U   A 1 31  ? -47.202  -32.284 -44.460 1.00 0.00 ? 35  U   D P  1 
ATOM 32  P P  . U   A 1 32  ? -49.179  -32.715 -39.673 1.00 0.00 ? 36  U   D P  1 
ATOM 33  P P  . A   A 1 33  ? -54.395  -33.372 -37.282 1.00 0.00 ? 37  A   D P  1 
ATOM 34  P P  . U   A 1 34  ? -59.322  -35.580 -38.634 1.00 0.00 ? 38  U   D P  1 
ATOM 35  P P  . U   A 1 35  ? -62.771  -38.173 -42.501 1.00 0.00 ? 39  U   D P  1 
ATOM 36  P P  . C   A 1 36  ? -62.197  -42.643 -45.747 1.00 0.00 ? 40  C   D P  1 
ATOM 37  P P  . C   A 1 37  ? -59.905  -48.042 -46.078 1.00 0.00 ? 41  C   D P  1 
ATOM 38  P P  . G   A 1 38  ? -58.346  -52.587 -44.657 1.00 0.00 ? 42  G   D P  1 
ATOM 39  P P  . G   A 1 39  ? -57.356  -55.655 -39.353 1.00 0.00 ? 43  G   D P  1 
ATOM 40  P P  . C   A 1 40  ? -57.436  -57.120 -33.919 1.00 0.00 ? 44  C   D P  1 
ATOM 41  P P  . U   A 1 41  ? -56.788  -55.145 -27.694 1.00 0.00 ? 45  U   D P  1 
ATOM 42  P P  . A   A 1 42  ? -61.630  -59.871 -25.504 1.00 0.00 ? 46  A   D P  1 
ATOM 43  P P  . U   A 1 43  ? -67.196  -62.149 -23.879 1.00 0.00 ? 48  U   D P  1 
ATOM 44  P P  . G   A 1 44  ? -70.825  -61.880 -19.989 1.00 0.00 ? 50  G   D P  1 
ATOM 45  P P  . G   A 1 45  ? -69.907  -66.164 -17.167 1.00 0.00 ? 51  G   D P  1 
ATOM 46  P P  . G   A 1 46  ? -71.385  -72.201 -16.253 1.00 0.00 ? 52  G   D P  1 
ATOM 47  P P  . G   A 1 47  ? -74.811  -76.665 -18.064 1.00 0.00 ? 53  G   D P  1 
ATOM 48  P P  . C   A 1 48  ? -79.268  -82.127 -31.259 1.00 0.00 ? 56  C   D P  1 
ATOM 49  P P  . A   A 1 49  ? -75.283  -78.723 -30.518 1.00 0.00 ? 57  A   D P  1 
ATOM 50  P P  . A   A 1 50  ? -74.113  -72.908 -30.191 1.00 0.00 ? 58  A   D P  1 
ATOM 51  P P  . U   A 1 51  ? -73.846  -66.884 -29.661 1.00 0.00 ? 59  U   D P  1 
ATOM 52  P P  . U   A 1 52  ? -78.322  -65.815 -26.889 1.00 0.00 ? 60  U   D P  1 
ATOM 53  P P  . C   A 1 53  ? -84.522  -64.519 -28.070 1.00 0.00 ? 61  C   D P  1 
ATOM 54  P P  . C   A 1 54  ? -87.277  -67.018 -24.008 1.00 0.00 ? 62  C   D P  1 
ATOM 55  P P  . C   A 1 55  ? -87.910  -69.005 -18.920 1.00 0.00 ? 63  C   D P  1 
ATOM 56  P P  . C   A 1 56  ? -86.224  -68.087 -13.075 1.00 0.00 ? 64  C   D P  1 
ATOM 57  P P  . G   A 1 57  ? -83.576  -65.025 -9.261  1.00 0.00 ? 65  G   D P  1 
ATOM 58  P P  . U   A 1 58  ? -80.493  -59.967 -7.418  1.00 0.00 ? 66  U   D P  1 
ATOM 59  P P  . C   A 1 59  ? -79.278  -54.758 -7.663  1.00 0.00 ? 67  C   D P  1 
ATOM 60  P P  . G   A 1 60  ? -80.737  -49.679 -10.122 1.00 0.00 ? 68  G   D P  1 
ATOM 61  P P  . C   A 1 61  ? -84.409  -46.074 -13.313 1.00 0.00 ? 69  C   D P  1 
ATOM 62  P P  . G   A 1 62  ? -89.024  -44.936 -14.882 1.00 0.00 ? 70  G   D P  1 
ATOM 63  P P  . G   A 1 63  ? -94.759  -45.819 -14.189 1.00 0.00 ? 71  G   D P  1 
ATOM 64  P P  . A   A 1 64  ? -99.986  -48.186 -11.861 1.00 0.00 ? 72  A   D P  1 
ATOM 65  P P  . G   A 1 65  ? -103.469 -51.355 -7.144  1.00 0.00 ? 73  G   D P  1 
ATOM 66  P P  . C   A 1 66  ? -101.862 -54.103 -0.908  1.00 0.00 ? 74  C   D P  1 
ATOM 67  P P  . C   A 1 67  ? -100.260 -56.485 2.741   1.00 0.00 ? 75  C   D P  1 
ATOM 68  P P  . A   A 1 68  ? -99.485  -55.728 7.871   1.00 0.00 ? 76  A   D P  1 
ATOM 69  C CA . PRO B 2 1   ? -67.888  30.506  -39.027 1.00 0.00 ? 5   PRO O CA 1 
ATOM 70  C CA . THR B 2 2   ? -70.155  33.498  -39.667 1.00 0.00 ? 6   THR O CA 1 
ATOM 71  C CA . ILE B 2 3   ? -68.861  37.007  -39.054 1.00 0.00 ? 7   ILE O CA 1 
ATOM 72  C CA . ASN B 2 4   ? -71.284  37.374  -36.177 1.00 0.00 ? 8   ASN O CA 1 
ATOM 73  C CA . GLN B 2 5   ? -69.999  34.062  -34.837 1.00 0.00 ? 9   GLN O CA 1 
ATOM 74  C CA . LEU B 2 6   ? -66.422  35.279  -35.082 1.00 0.00 ? 10  LEU O CA 1 
ATOM 75  C CA . VAL B 2 7   ? -67.535  38.307  -33.143 1.00 0.00 ? 11  VAL O CA 1 
ATOM 76  C CA . ARG B 2 8   ? -69.041  36.109  -30.457 1.00 0.00 ? 12  ARG O CA 1 
ATOM 77  C CA . LYS B 2 9   ? -66.522  33.321  -29.998 1.00 0.00 ? 13  LYS O CA 1 
ATOM 78  C CA . GLY B 2 10  ? -63.602  34.517  -32.099 1.00 0.00 ? 14  GLY O CA 1 
ATOM 79  C CA . ARG B 2 11  ? -60.431  32.677  -33.090 1.00 0.00 ? 15  ARG O CA 1 
ATOM 80  C CA . GLU B 2 12  ? -58.384  30.862  -30.449 1.00 0.00 ? 16  GLU O CA 1 
ATOM 81  C CA . LYS B 2 13  ? -54.627  31.467  -30.616 1.00 0.00 ? 17  LYS O CA 1 
ATOM 82  C CA . VAL B 2 14  ? -52.312  28.450  -30.755 1.00 0.00 ? 18  VAL O CA 1 
ATOM 83  C CA . ARG B 2 15  ? -50.130  27.573  -27.733 1.00 0.00 ? 19  ARG O CA 1 
ATOM 84  C CA . LYS B 2 16  ? -46.732  26.006  -28.448 1.00 0.00 ? 20  LYS O CA 1 
ATOM 85  C CA . LYS B 2 17  ? -45.463  23.535  -25.817 1.00 0.00 ? 21  LYS O CA 1 
ATOM 86  C CA . SER B 2 18  ? -41.780  23.452  -24.899 1.00 0.00 ? 22  SER O CA 1 
ATOM 87  C CA . LYS B 2 19  ? -39.702  20.450  -25.824 1.00 0.00 ? 23  LYS O CA 1 
ATOM 88  C CA . VAL B 2 20  ? -37.006  21.196  -23.295 1.00 0.00 ? 24  VAL O CA 1 
ATOM 89  C CA . PRO B 2 21  ? -38.030  21.794  -19.692 1.00 0.00 ? 25  PRO O CA 1 
ATOM 90  C CA . ALA B 2 22  ? -34.432  22.823  -18.934 1.00 0.00 ? 26  ALA O CA 1 
ATOM 91  C CA . LEU B 2 23  ? -36.679  24.894  -16.666 1.00 0.00 ? 27  LEU O CA 1 
ATOM 92  C CA . LYS B 2 24  ? -36.087  28.616  -16.324 1.00 0.00 ? 28  LYS O CA 1 
ATOM 93  C CA . GLY B 2 25  ? -36.412  28.317  -20.089 1.00 0.00 ? 29  GLY O CA 1 
ATOM 94  C CA . ALA B 2 26  ? -32.648  28.649  -19.752 1.00 0.00 ? 30  ALA O CA 1 
ATOM 95  C CA . PRO B 2 27  ? -30.105  28.127  -22.560 1.00 0.00 ? 31  PRO O CA 1 
ATOM 96  C CA . PHE B 2 28  ? -28.208  25.567  -20.501 1.00 0.00 ? 32  PHE O CA 1 
ATOM 97  C CA . ARG B 2 29  ? -28.463  23.844  -17.170 1.00 0.00 ? 33  ARG O CA 1 
ATOM 98  C CA . ARG B 2 30  ? -25.800  22.076  -15.130 1.00 0.00 ? 34  ARG O CA 1 
ATOM 99  C CA . GLY B 2 31  ? -26.442  18.809  -13.347 1.00 0.00 ? 35  GLY O CA 1 
ATOM 100 C CA . VAL B 2 32  ? -24.672  15.926  -11.686 1.00 0.00 ? 36  VAL O CA 1 
ATOM 101 C CA . CYS B 2 33  ? -24.193  12.533  -13.280 1.00 0.00 ? 37  CYS O CA 1 
ATOM 102 C CA . THR B 2 34  ? -25.920  9.612   -11.588 1.00 0.00 ? 38  THR O CA 1 
ATOM 103 C CA . VAL B 2 35  ? -25.562  6.751   -14.018 1.00 0.00 ? 39  VAL O CA 1 
ATOM 104 C CA . VAL B 2 36  ? -23.317  6.545   -17.048 1.00 0.00 ? 40  VAL O CA 1 
ATOM 105 C CA . ARG B 2 37  ? -25.279  3.744   -18.746 1.00 0.00 ? 41  ARG O CA 1 
ATOM 106 C CA . THR B 2 38  ? -25.423  2.806   -22.438 1.00 0.00 ? 42  THR O CA 1 
ATOM 107 C CA . VAL B 2 39  ? -28.746  2.440   -24.208 1.00 0.00 ? 43  VAL O CA 1 
ATOM 108 C CA . THR B 2 40  ? -29.528  0.684   -27.468 1.00 0.00 ? 44  THR O CA 1 
ATOM 109 C CA . PRO B 2 41  ? -31.107  2.358   -30.564 1.00 0.00 ? 45  PRO O CA 1 
ATOM 110 C CA . LYS B 2 42  ? -34.675  2.036   -31.862 1.00 0.00 ? 46  LYS O CA 1 
ATOM 111 C CA . LYS B 2 43  ? -36.592  0.816   -34.947 1.00 0.00 ? 47  LYS O CA 1 
ATOM 112 C CA . PRO B 2 44  ? -33.666  0.097   -37.311 1.00 0.00 ? 48  PRO O CA 1 
ATOM 113 C CA . ASN B 2 45  ? -30.446  1.490   -35.894 1.00 0.00 ? 49  ASN O CA 1 
ATOM 114 C CA . SER B 2 46  ? -28.205  -0.557  -33.622 1.00 0.00 ? 50  SER O CA 1 
ATOM 115 C CA . ALA B 2 47  ? -25.213  0.402   -31.430 1.00 0.00 ? 51  ALA O CA 1 
ATOM 116 C CA . LEU B 2 48  ? -24.265  1.349   -27.876 1.00 0.00 ? 52  LEU O CA 1 
ATOM 117 C CA . ARG B 2 49  ? -25.322  4.948   -27.386 1.00 0.00 ? 53  ARG O CA 1 
ATOM 118 C CA . LYS B 2 50  ? -23.523  6.491   -24.402 1.00 0.00 ? 54  LYS O CA 1 
ATOM 119 C CA . VAL B 2 51  ? -26.011  8.190   -22.099 1.00 0.00 ? 55  VAL O CA 1 
ATOM 120 C CA . ALA B 2 52  ? -26.153  9.688   -18.590 1.00 0.00 ? 56  ALA O CA 1 
ATOM 121 C CA . LYS B 2 53  ? -28.815  10.296  -15.929 1.00 0.00 ? 57  LYS O CA 1 
ATOM 122 C CA . VAL B 2 54  ? -28.399  13.847  -14.642 1.00 0.00 ? 58  VAL O CA 1 
ATOM 123 C CA . ARG B 2 55  ? -29.683  15.606  -11.534 1.00 0.00 ? 59  ARG O CA 1 
ATOM 124 C CA . LEU B 2 56  ? -30.276  19.197  -12.673 1.00 0.00 ? 60  LEU O CA 1 
ATOM 125 C CA . THR B 2 57  ? -30.044  22.358  -10.600 1.00 0.00 ? 61  THR O CA 1 
ATOM 126 C CA . SER B 2 58  ? -33.504  22.961  -12.019 1.00 0.00 ? 62  SER O CA 1 
ATOM 127 C CA . GLY B 2 59  ? -34.806  20.175  -9.810  1.00 0.00 ? 63  GLY O CA 1 
ATOM 128 C CA . TYR B 2 60  ? -35.295  17.798  -12.756 1.00 0.00 ? 64  TYR O CA 1 
ATOM 129 C CA . GLU B 2 61  ? -33.625  14.389  -13.159 1.00 0.00 ? 65  GLU O CA 1 
ATOM 130 C CA . VAL B 2 62  ? -32.984  13.719  -16.854 1.00 0.00 ? 66  VAL O CA 1 
ATOM 131 C CA . THR B 2 63  ? -31.192  11.514  -19.397 1.00 0.00 ? 67  THR O CA 1 
ATOM 132 C CA . ALA B 2 64  ? -28.687  13.166  -21.735 1.00 0.00 ? 68  ALA O CA 1 
ATOM 133 C CA . TYR B 2 65  ? -26.697  12.105  -24.784 1.00 0.00 ? 69  TYR O CA 1 
ATOM 134 C CA . ILE B 2 66  ? -22.891  12.231  -24.648 1.00 0.00 ? 70  ILE O CA 1 
ATOM 135 C CA . PRO B 2 67  ? -21.637  13.162  -28.156 1.00 0.00 ? 71  PRO O CA 1 
ATOM 136 C CA . GLY B 2 68  ? -18.167  12.260  -29.332 1.00 0.00 ? 72  GLY O CA 1 
ATOM 137 C CA . GLU B 2 69  ? -15.931  9.295   -30.146 1.00 0.00 ? 73  GLU O CA 1 
ATOM 138 C CA . GLY B 2 70  ? -15.110  8.654   -26.487 1.00 0.00 ? 74  GLY O CA 1 
ATOM 139 C CA . HIS B 2 71  ? -15.927  10.238  -23.105 1.00 0.00 ? 75  HIS O CA 1 
ATOM 140 C CA . ASN B 2 72  ? -14.690  10.403  -19.493 1.00 0.00 ? 76  ASN O CA 1 
ATOM 141 C CA . LEU B 2 73  ? -17.940  10.845  -17.546 1.00 0.00 ? 77  LEU O CA 1 
ATOM 142 C CA . GLN B 2 74  ? -18.388  9.078   -14.203 1.00 0.00 ? 78  GLN O CA 1 
ATOM 143 C CA . GLU B 2 75  ? -20.809  8.530   -11.349 1.00 0.00 ? 79  GLU O CA 1 
ATOM 144 C CA . HIS B 2 76  ? -20.672  12.021  -9.824  1.00 0.00 ? 80  HIS O CA 1 
ATOM 145 C CA . SER B 2 77  ? -19.282  14.216  -12.569 1.00 0.00 ? 81  SER O CA 1 
ATOM 146 C CA . VAL B 2 78  ? -20.632  17.745  -12.927 1.00 0.00 ? 82  VAL O CA 1 
ATOM 147 C CA . VAL B 2 79  ? -21.935  18.424  -16.418 1.00 0.00 ? 83  VAL O CA 1 
ATOM 148 C CA . LEU B 2 80  ? -23.712  20.994  -18.624 1.00 0.00 ? 84  LEU O CA 1 
ATOM 149 C CA . ILE B 2 81  ? -26.896  20.179  -20.587 1.00 0.00 ? 85  ILE O CA 1 
ATOM 150 C CA . ARG B 2 82  ? -27.755  21.919  -23.847 1.00 0.00 ? 86  ARG O CA 1 
ATOM 151 C CA . GLY B 2 83  ? -31.052  20.583  -25.084 1.00 0.00 ? 87  GLY O CA 1 
ATOM 152 C CA . GLY B 2 84  ? -31.447  18.604  -28.268 1.00 0.00 ? 88  GLY O CA 1 
ATOM 153 C CA . ARG B 2 85  ? -33.085  15.221  -28.481 1.00 0.00 ? 89  ARG O CA 1 
ATOM 154 C CA . VAL B 2 86  ? -31.672  12.068  -30.118 1.00 0.00 ? 90  VAL O CA 1 
ATOM 155 C CA . LYS B 2 87  ? -33.993  10.469  -32.678 1.00 0.00 ? 91  LYS O CA 1 
ATOM 156 C CA . ASP B 2 88  ? -32.946  6.896   -31.753 1.00 0.00 ? 92  ASP O CA 1 
ATOM 157 C CA . LEU B 2 89  ? -32.974  7.065   -27.992 1.00 0.00 ? 93  LEU O CA 1 
ATOM 158 C CA . PRO B 2 90  ? -36.516  7.461   -26.733 1.00 0.00 ? 94  PRO O CA 1 
ATOM 159 C CA . GLY B 2 91  ? -36.283  9.467   -23.543 1.00 0.00 ? 95  GLY O CA 1 
ATOM 160 C CA . VAL B 2 92  ? -33.173  11.494  -24.228 1.00 0.00 ? 96  VAL O CA 1 
ATOM 161 C CA . ARG B 2 93  ? -34.010  15.160  -24.703 1.00 0.00 ? 97  ARG O CA 1 
ATOM 162 C CA . TYR B 2 94  ? -30.723  16.947  -24.167 1.00 0.00 ? 98  TYR O CA 1 
ATOM 163 C CA . HIS B 2 95  ? -27.098  16.606  -25.208 1.00 0.00 ? 99  HIS O CA 1 
ATOM 164 C CA . ILE B 2 96  ? -24.165  17.038  -22.862 1.00 0.00 ? 100 ILE O CA 1 
ATOM 165 C CA . VAL B 2 97  ? -21.851  19.930  -23.585 1.00 0.00 ? 101 VAL O CA 1 
ATOM 166 C CA . ARG B 2 98  ? -18.387  18.554  -24.099 1.00 0.00 ? 102 ARG O CA 1 
ATOM 167 C CA . GLY B 2 99  ? -15.580  20.747  -22.857 1.00 0.00 ? 103 GLY O CA 1 
ATOM 168 C CA . VAL B 2 100 ? -17.438  22.147  -19.870 1.00 0.00 ? 104 VAL O CA 1 
ATOM 169 C CA . TYR B 2 101 ? -17.062  21.210  -16.193 1.00 0.00 ? 105 TYR O CA 1 
ATOM 170 C CA . ASP B 2 102 ? -16.207  17.502  -15.818 1.00 0.00 ? 106 ASP O CA 1 
ATOM 171 C CA . ALA B 2 103 ? -17.000  16.367  -19.346 1.00 0.00 ? 107 ALA O CA 1 
ATOM 172 C CA . ALA B 2 104 ? -13.672  16.528  -21.128 1.00 0.00 ? 108 ALA O CA 1 
ATOM 173 C CA . GLY B 2 105 ? -13.570  17.312  -24.820 1.00 0.00 ? 109 GLY O CA 1 
ATOM 174 C CA . VAL B 2 106 ? -13.070  14.679  -27.489 1.00 0.00 ? 110 VAL O CA 1 
ATOM 175 C CA . LYS B 2 107 ? -9.450   13.640  -27.964 1.00 0.00 ? 111 LYS O CA 1 
ATOM 176 C CA . ASP B 2 108 ? -8.073   13.706  -31.513 1.00 0.00 ? 112 ASP O CA 1 
ATOM 177 C CA . ARG B 2 109 ? -10.932  15.801  -32.860 1.00 0.00 ? 113 ARG O CA 1 
ATOM 178 C CA . LYS B 2 110 ? -9.506   17.556  -35.897 1.00 0.00 ? 114 LYS O CA 1 
ATOM 179 C CA . LYS B 2 111 ? -12.727  18.857  -37.443 1.00 0.00 ? 115 LYS O CA 1 
ATOM 180 C CA . SER B 2 112 ? -15.984  20.130  -35.984 1.00 0.00 ? 116 SER O CA 1 
ATOM 181 C CA . ARG B 2 113 ? -14.143  20.921  -32.733 1.00 0.00 ? 117 ARG O CA 1 
ATOM 182 C CA . SER B 2 114 ? -16.415  23.880  -31.888 1.00 0.00 ? 118 SER O CA 1 
ATOM 183 C CA . LYS B 2 115 ? -18.756  21.071  -30.860 1.00 0.00 ? 119 LYS O CA 1 
ATOM 184 C CA . TYR B 2 116 ? -16.948  18.353  -28.853 1.00 0.00 ? 120 TYR O CA 1 
ATOM 185 C CA . GLY B 2 117 ? -15.150  21.240  -27.140 1.00 0.00 ? 121 GLY O CA 1 
ATOM 186 C CA . THR B 2 118 ? -11.559  20.489  -28.208 1.00 0.00 ? 122 THR O CA 1 
ATOM 187 C CA . LYS B 2 119 ? -8.887   23.216  -28.341 1.00 0.00 ? 123 LYS O CA 1 
ATOM 188 C CA . LYS B 2 120 ? -6.928   24.031  -31.490 1.00 0.00 ? 124 LYS O CA 1 
ATOM 189 C CA . PRO B 2 121 ? -4.246   21.396  -32.109 1.00 0.00 ? 125 PRO O CA 1 
ATOM 190 C CA . LYS B 2 122 ? -0.828   23.016  -32.547 1.00 0.00 ? 126 LYS O CA 1 
ATOM 191 C CA . GLU B 2 123 ? 0.389    21.801  -35.935 1.00 0.00 ? 127 GLU O CA 1 
ATOM 192 C CA . ALA B 2 124 ? 4.070    20.900  -35.600 1.00 0.00 ? 128 ALA O CA 1 
ATOM 193 C CA . GLN C 3 1   ? 22.969   -2.782  33.476  1.00 0.00 ? 8   GLN L CA 1 
ATOM 194 C CA . ILE C 3 2   ? 22.143   -4.136  30.013  1.00 0.00 ? 9   ILE L CA 1 
ATOM 195 C CA . LYS C 3 3   ? 23.213   -7.354  28.294  1.00 0.00 ? 10  LYS L CA 1 
ATOM 196 C CA . LEU C 3 4   ? 23.211   -8.491  24.676  1.00 0.00 ? 11  LEU L CA 1 
ATOM 197 C CA . GLN C 3 5   ? 24.943   -10.786 22.191  1.00 0.00 ? 12  GLN L CA 1 
ATOM 198 C CA . LEU C 3 6   ? 26.872   -8.753  19.618  1.00 0.00 ? 13  LEU L CA 1 
ATOM 199 C CA . PRO C 3 7   ? 28.910   -10.319 16.772  1.00 0.00 ? 14  PRO L CA 1 
ATOM 200 C CA . ALA C 3 8   ? 32.713   -10.184 16.961  1.00 0.00 ? 15  ALA L CA 1 
ATOM 201 C CA . GLY C 3 9   ? 33.976   -7.254  14.896  1.00 0.00 ? 16  GLY L CA 1 
ATOM 202 C CA . LYS C 3 10  ? 30.780   -5.274  14.300  1.00 0.00 ? 17  LYS L CA 1 
ATOM 203 C CA . ALA C 3 11  ? 28.523   -2.768  16.102  1.00 0.00 ? 18  ALA L CA 1 
ATOM 204 C CA . THR C 3 12  ? 26.586   0.528   15.807  1.00 0.00 ? 19  THR L CA 1 
ATOM 205 C CA . PRO C 3 13  ? 23.455   -0.543  13.881  1.00 0.00 ? 20  PRO L CA 1 
ATOM 206 C CA . ALA C 3 14  ? 20.178   0.945   15.101  1.00 0.00 ? 21  ALA L CA 1 
ATOM 207 C CA . PRO C 3 15  ? 18.021   -2.209  14.988  1.00 0.00 ? 22  PRO L CA 1 
ATOM 208 C CA . PRO C 3 16  ? 20.629   -4.540  16.618  1.00 0.00 ? 23  PRO L CA 1 
ATOM 209 C CA . VAL C 3 17  ? 22.415   -2.249  19.118  1.00 0.00 ? 24  VAL L CA 1 
ATOM 210 C CA . GLY C 3 18  ? 21.519   1.454   19.179  1.00 0.00 ? 25  GLY L CA 1 
ATOM 211 C CA . PRO C 3 19  ? 17.901   1.644   20.480  1.00 0.00 ? 26  PRO L CA 1 
ATOM 212 C CA . ALA C 3 20  ? 18.555   -1.137  23.008  1.00 0.00 ? 27  ALA L CA 1 
ATOM 213 C CA . LEU C 3 21  ? 21.078   0.312   25.462  1.00 0.00 ? 28  LEU L CA 1 
ATOM 214 C CA . GLY C 3 22  ? 20.909   3.607   23.604  1.00 0.00 ? 29  GLY L CA 1 
ATOM 215 C CA . GLN C 3 23  ? 17.744   4.186   25.624  1.00 0.00 ? 30  GLN L CA 1 
ATOM 216 C CA . HIS C 3 24  ? 19.389   3.556   29.002  1.00 0.00 ? 31  HIS L CA 1 
ATOM 217 C CA . GLY C 3 25  ? 21.917   6.366   28.649  1.00 0.00 ? 32  GLY L CA 1 
ATOM 218 C CA . VAL C 3 26  ? 24.761   4.620   26.833  1.00 0.00 ? 33  VAL L CA 1 
ATOM 219 C CA . ASN C 3 27  ? 26.658   6.461   24.084  1.00 0.00 ? 34  ASN L CA 1 
ATOM 220 C CA . ILE C 3 28  ? 26.645   3.977   21.183  1.00 0.00 ? 35  ILE L CA 1 
ATOM 221 C CA . MET C 3 29  ? 29.723   5.223   19.252  1.00 0.00 ? 36  MET L CA 1 
ATOM 222 C CA . GLU C 3 30  ? 32.016   4.729   22.265  1.00 0.00 ? 37  GLU L CA 1 
ATOM 223 C CA . PHE C 3 31  ? 30.810   1.141   22.759  1.00 0.00 ? 38  PHE L CA 1 
ATOM 224 C CA . CYS C 3 32  ? 30.905   0.135   19.072  1.00 0.00 ? 39  CYS L CA 1 
ATOM 225 C CA . LYS C 3 33  ? 34.582   1.032   18.695  1.00 0.00 ? 40  LYS L CA 1 
ATOM 226 C CA . ARG C 3 34  ? 35.359   -0.174  22.232  1.00 0.00 ? 41  ARG L CA 1 
ATOM 227 C CA . PHE C 3 35  ? 33.518   -3.490  21.880  1.00 0.00 ? 42  PHE L CA 1 
ATOM 228 C CA . ASN C 3 36  ? 34.910   -4.114  18.404  1.00 0.00 ? 43  ASN L CA 1 
ATOM 229 C CA . ALA C 3 37  ? 38.326   -3.344  19.872  1.00 0.00 ? 44  ALA L CA 1 
ATOM 230 C CA . GLU C 3 38  ? 38.921   -6.391  22.079  1.00 0.00 ? 45  GLU L CA 1 
ATOM 231 C CA . THR C 3 39  ? 36.433   -8.475  20.098  1.00 0.00 ? 46  THR L CA 1 
ATOM 232 C CA . ALA C 3 40  ? 39.259   -8.514  17.546  1.00 0.00 ? 47  ALA L CA 1 
ATOM 233 C CA . ASP C 3 41  ? 41.162   -11.293 19.319  1.00 0.00 ? 48  ASP L CA 1 
ATOM 234 C CA . LYS C 3 42  ? 38.052   -13.425 18.745  1.00 0.00 ? 49  LYS L CA 1 
ATOM 235 C CA . ALA C 3 43  ? 36.388   -12.484 15.448  1.00 0.00 ? 50  ALA L CA 1 
ATOM 236 C CA . GLY C 3 44  ? 33.626   -14.141 13.450  1.00 0.00 ? 51  GLY L CA 1 
ATOM 237 C CA . MET C 3 45  ? 31.861   -15.505 16.519  1.00 0.00 ? 52  MET L CA 1 
ATOM 238 C CA . ILE C 3 46  ? 28.830   -14.084 18.304  1.00 0.00 ? 53  ILE L CA 1 
ATOM 239 C CA . LEU C 3 47  ? 29.909   -13.119 21.818  1.00 0.00 ? 54  LEU L CA 1 
ATOM 240 C CA . PRO C 3 48  ? 27.635   -11.930 24.680  1.00 0.00 ? 55  PRO L CA 1 
ATOM 241 C CA . VAL C 3 49  ? 28.690   -8.781  26.535  1.00 0.00 ? 56  VAL L CA 1 
ATOM 242 C CA . VAL C 3 50  ? 27.286   -7.337  29.758  1.00 0.00 ? 57  VAL L CA 1 
ATOM 243 C CA . ILE C 3 51  ? 27.206   -3.550  29.551  1.00 0.00 ? 58  ILE L CA 1 
ATOM 244 C CA . THR C 3 52  ? 26.935   -1.605  32.811  1.00 0.00 ? 59  THR L CA 1 
ATOM 245 C CA . VAL C 3 53  ? 25.893   2.063   32.821  1.00 0.00 ? 60  VAL L CA 1 
ATOM 246 C CA . TYR C 3 54  ? 26.668   4.300   35.811  1.00 0.00 ? 61  TYR L CA 1 
ATOM 247 C CA . GLU C 3 55  ? 24.444   7.212   36.868  1.00 0.00 ? 62  GLU L CA 1 
ATOM 248 C CA . ASP C 3 56  ? 26.741   9.505   34.858  1.00 0.00 ? 63  ASP L CA 1 
ATOM 249 C CA . LYS C 3 57  ? 25.852   7.707   31.586  1.00 0.00 ? 64  LYS L CA 1 
ATOM 250 C CA . SER C 3 58  ? 29.397   6.300   31.471  1.00 0.00 ? 65  SER L CA 1 
ATOM 251 C CA . PHE C 3 59  ? 29.851   2.541   31.150  1.00 0.00 ? 66  PHE L CA 1 
ATOM 252 C CA . THR C 3 60  ? 31.976   -0.615  31.194  1.00 0.00 ? 67  THR L CA 1 
ATOM 253 C CA . PHE C 3 61  ? 31.276   -4.107  29.905  1.00 0.00 ? 68  PHE L CA 1 
ATOM 254 C CA . ILE C 3 62  ? 32.516   -7.647  30.331  1.00 0.00 ? 69  ILE L CA 1 
ATOM 255 C CA . ILE C 3 63  ? 32.920   -9.878  27.289  1.00 0.00 ? 70  ILE L CA 1 
ATOM 256 C CA . LYS C 3 64  ? 32.059   -13.547 27.812  1.00 0.00 ? 71  LYS L CA 1 
ATOM 257 C CA . THR C 3 65  ? 32.404   -16.737 25.798  1.00 0.00 ? 72  THR L CA 1 
ATOM 258 C CA . PRO C 3 66  ? 29.880   -17.270 22.963  1.00 0.00 ? 73  PRO L CA 1 
ATOM 259 C CA . PRO C 3 67  ? 26.581   -19.032 23.804  1.00 0.00 ? 74  PRO L CA 1 
ATOM 260 C CA . ALA C 3 68  ? 26.486   -22.820 23.921  1.00 0.00 ? 75  ALA L CA 1 
ATOM 261 C CA . SER C 3 69  ? 23.763   -22.962 21.295  1.00 0.00 ? 76  SER L CA 1 
ATOM 262 C CA . PHE C 3 70  ? 25.990   -20.826 19.048  1.00 0.00 ? 77  PHE L CA 1 
ATOM 263 C CA . LEU C 3 71  ? 29.158   -22.862 19.454  1.00 0.00 ? 78  LEU L CA 1 
ATOM 264 C CA . LEU C 3 72  ? 27.017   -25.984 18.963  1.00 0.00 ? 79  LEU L CA 1 
ATOM 265 C CA . LYS C 3 73  ? 25.501   -24.649 15.746  1.00 0.00 ? 80  LYS L CA 1 
ATOM 266 C CA . LYS C 3 74  ? 29.004   -23.915 14.501  1.00 0.00 ? 81  LYS L CA 1 
ATOM 267 C CA . ALA C 3 75  ? 30.301   -27.334 15.527  1.00 0.00 ? 82  ALA L CA 1 
ATOM 268 C CA . ALA C 3 76  ? 27.437   -29.172 13.819  1.00 0.00 ? 83  ALA L CA 1 
ATOM 269 C CA . GLY C 3 77  ? 28.056   -26.950 10.819  1.00 0.00 ? 84  GLY L CA 1 
ATOM 270 C CA . ILE C 3 78  ? 24.402   -25.923 10.819  1.00 0.00 ? 85  ILE L CA 1 
ATOM 271 C CA . GLU C 3 79  ? 22.758   -22.485 10.775  1.00 0.00 ? 86  GLU L CA 1 
ATOM 272 C CA . LYS C 3 80  ? 19.734   -23.074 13.000  1.00 0.00 ? 87  LYS L CA 1 
ATOM 273 C CA . GLY C 3 81  ? 18.559   -25.434 15.700  1.00 0.00 ? 88  GLY L CA 1 
ATOM 274 C CA . SER C 3 82  ? 15.797   -27.946 15.112  1.00 0.00 ? 89  SER L CA 1 
ATOM 275 C CA . SER C 3 83  ? 12.350   -26.373 15.039  1.00 0.00 ? 90  SER L CA 1 
ATOM 276 C CA . GLU C 3 84  ? 11.313   -29.375 17.104  1.00 0.00 ? 91  GLU L CA 1 
ATOM 277 C CA . PRO C 3 85  ? 14.223   -30.569 19.303  1.00 0.00 ? 92  PRO L CA 1 
ATOM 278 C CA . LYS C 3 86  ? 14.447   -34.322 19.850  1.00 0.00 ? 93  LYS L CA 1 
ATOM 279 C CA . ARG C 3 87  ? 11.564   -34.848 17.421  1.00 0.00 ? 94  ARG L CA 1 
ATOM 280 C CA . LYS C 3 88  ? 13.796   -33.768 14.529  1.00 0.00 ? 95  LYS L CA 1 
ATOM 281 C CA . ILE C 3 89  ? 17.571   -33.896 14.580  1.00 0.00 ? 96  ILE L CA 1 
ATOM 282 C CA . VAL C 3 90  ? 19.099   -31.239 12.344  1.00 0.00 ? 97  VAL L CA 1 
ATOM 283 C CA . GLY C 3 91  ? 22.731   -31.953 13.077  1.00 0.00 ? 98  GLY L CA 1 
ATOM 284 C CA . LYS C 3 92  ? 25.289   -33.781 15.174  1.00 0.00 ? 99  LYS L CA 1 
ATOM 285 C CA . VAL C 3 93  ? 28.610   -33.413 16.950  1.00 0.00 ? 100 VAL L CA 1 
ATOM 286 C CA . THR C 3 94  ? 31.238   -35.780 18.282  1.00 0.00 ? 101 THR L CA 1 
ATOM 287 C CA . ARG C 3 95  ? 31.825   -36.320 21.994  1.00 0.00 ? 102 ARG L CA 1 
ATOM 288 C CA . LYS C 3 96  ? 35.204   -34.681 21.496  1.00 0.00 ? 103 LYS L CA 1 
ATOM 289 C CA . GLN C 3 97  ? 33.442   -31.605 20.121  1.00 0.00 ? 104 GLN L CA 1 
ATOM 290 C CA . ILE C 3 98  ? 31.316   -31.395 23.254  1.00 0.00 ? 105 ILE L CA 1 
ATOM 291 C CA . GLU C 3 99  ? 34.631   -31.504 25.105  1.00 0.00 ? 106 GLU L CA 1 
ATOM 292 C CA . GLU C 3 100 ? 35.960   -28.593 23.029  1.00 0.00 ? 107 GLU L CA 1 
ATOM 293 C CA . ILE C 3 101 ? 32.925   -26.405 23.599  1.00 0.00 ? 108 ILE L CA 1 
ATOM 294 C CA . ALA C 3 102 ? 32.778   -27.274 27.290  1.00 0.00 ? 109 ALA L CA 1 
ATOM 295 C CA . LYS C 3 103 ? 36.440   -26.287 27.464  1.00 0.00 ? 110 LYS L CA 1 
ATOM 296 C CA . THR C 3 104 ? 35.806   -23.072 25.541  1.00 0.00 ? 111 THR L CA 1 
ATOM 297 C CA . LYS C 3 105 ? 32.908   -22.020 27.756  1.00 0.00 ? 112 LYS L CA 1 
ATOM 298 C CA . MET C 3 106 ? 34.583   -23.207 30.973  1.00 0.00 ? 113 MET L CA 1 
ATOM 299 C CA . PRO C 3 107 ? 35.327   -19.678 32.234  1.00 0.00 ? 114 PRO L CA 1 
ATOM 300 C CA . ASP C 3 108 ? 31.573   -19.067 32.156  1.00 0.00 ? 115 ASP L CA 1 
ATOM 301 C CA . LEU C 3 109 ? 30.584   -22.548 33.348  1.00 0.00 ? 116 LEU L CA 1 
ATOM 302 C CA . ASN C 3 110 ? 30.257   -23.519 37.009  1.00 0.00 ? 117 ASN L CA 1 
ATOM 303 C CA . ALA C 3 111 ? 31.206   -27.186 36.621  1.00 0.00 ? 118 ALA L CA 1 
ATOM 304 C CA . ASN C 3 112 ? 33.885   -28.567 38.931  1.00 0.00 ? 119 ASN L CA 1 
ATOM 305 C CA . SER C 3 113 ? 35.007   -31.104 36.334  1.00 0.00 ? 120 SER L CA 1 
ATOM 306 C CA . LEU C 3 114 ? 35.389   -31.305 32.558  1.00 0.00 ? 121 LEU L CA 1 
ATOM 307 C CA . GLU C 3 115 ? 32.835   -34.103 32.747  1.00 0.00 ? 122 GLU L CA 1 
ATOM 308 C CA . ALA C 3 116 ? 30.257   -31.875 34.417  1.00 0.00 ? 123 ALA L CA 1 
ATOM 309 C CA . ALA C 3 117 ? 31.050   -29.177 31.851  1.00 0.00 ? 124 ALA L CA 1 
ATOM 310 C CA . MET C 3 118 ? 30.341   -31.531 28.964  1.00 0.00 ? 125 MET L CA 1 
ATOM 311 C CA . LYS C 3 119 ? 27.145   -32.654 30.649  1.00 0.00 ? 126 LYS L CA 1 
ATOM 312 C CA . ILE C 3 120 ? 26.111   -29.005 30.682  1.00 0.00 ? 127 ILE L CA 1 
ATOM 313 C CA . ILE C 3 121 ? 26.899   -28.489 27.003  1.00 0.00 ? 128 ILE L CA 1 
ATOM 314 C CA . GLU C 3 122 ? 25.098   -31.717 26.107  1.00 0.00 ? 129 GLU L CA 1 
ATOM 315 C CA . GLY C 3 123 ? 22.018   -30.385 27.809  1.00 0.00 ? 130 GLY L CA 1 
ATOM 316 C CA . THR C 3 124 ? 22.006   -27.475 25.379  1.00 0.00 ? 131 THR L CA 1 
ATOM 317 C CA . ALA C 3 125 ? 22.655   -29.651 22.329  1.00 0.00 ? 132 ALA L CA 1 
ATOM 318 C CA . LYS C 3 126 ? 19.760   -31.867 23.381  1.00 0.00 ? 133 LYS L CA 1 
ATOM 319 C CA . SER C 3 127 ? 17.611   -28.745 23.359  1.00 0.00 ? 134 SER L CA 1 
ATOM 320 C CA . MET C 3 128 ? 18.413   -27.740 19.781  1.00 0.00 ? 135 MET L CA 1 
ATOM 321 C CA . GLY C 3 129 ? 18.120   -31.038 17.943  1.00 0.00 ? 136 GLY L CA 1 
ATOM 322 C CA . ILE C 3 130 ? 21.860   -31.661 17.803  1.00 0.00 ? 137 ILE L CA 1 
ATOM 323 C CA . GLU C 3 131 ? 22.990   -35.225 18.482  1.00 0.00 ? 138 GLU L CA 1 
ATOM 324 C CA . VAL C 3 132 ? 26.271   -36.471 19.935  1.00 0.00 ? 139 VAL L CA 1 
ATOM 325 C CA . VAL C 3 133 ? 28.345   -39.275 18.389  1.00 0.00 ? 140 VAL L CA 1 
# 
